data_4CH8
#
_entry.id   4CH8
#
_cell.length_a   74.220
_cell.length_b   51.330
_cell.length_c   150.080
_cell.angle_alpha   90.00
_cell.angle_beta   96.13
_cell.angle_gamma   90.00
#
_symmetry.space_group_name_H-M   'P 1 21 1'
#
loop_
_entity.id
_entity.type
_entity.pdbx_description
1 polymer 'THROMBIN, LIGHT CHAIN'
2 polymer 'THROMBIN, HEAVY CHAIN'
3 polymer 'PLATELET GLYCOPROTEIN IB ALPHA CHAIN, RESIDUES 287-300'
4 non-polymer 'SODIUM ION'
5 non-polymer D-phenylalanyl-N-[(2S,3S)-6-{[amino(iminio)methyl]amino}-1-chloro-2-hydroxyhexan-3-yl]-L-prolinamide
6 non-polymer GLYCEROL
7 water water
#
loop_
_entity_poly.entity_id
_entity_poly.type
_entity_poly.pdbx_seq_one_letter_code
_entity_poly.pdbx_strand_id
1 'polypeptide(L)' TFGSGEADCGLRPLFEKKSLEDKTERELLESYIDGR A,C,E,G
2 'polypeptide(L)'
;IVEGSDAEIGMSPWQVMLFRKSPQELLCGASLISDRWVLTAAHCLLYPPWDKNFTENDLLVRIGKHSRTRYERNIEKISM
LEKIYIHPRYNWRENLDRDIALMKLKKPVAFSDYIHPVCLPDRETAASLLQAGYKGRVTGWGNLKETWTANVGKGQPSVL
QVVNLPIVERPVCKDSTRIRITDNMFCAGYKPDEGKRGDACEGDSGGPFVMKSPFNNRWYQMGIVSWGEGCDRDGKYGFY
THVFRLKKWIQKVIDQFGE
;
B,D,F,H
3 'polypeptide(L)' GDTDL(PTR)D(PTR)(PTR)PEEDT P,Q,R,S
#
loop_
_chem_comp.id
_chem_comp.type
_chem_comp.name
_chem_comp.formula
0G6 peptide-like D-phenylalanyl-N-[(2S,3S)-6-{[amino(iminio)methyl]amino}-1-chloro-2-hydroxyhexan-3-yl]-L-prolinamide 'C21 H34 Cl N6 O3 1'
GOL non-polymer GLYCEROL 'C3 H8 O3'
NA non-polymer 'SODIUM ION' 'Na 1'
#
# COMPACT_ATOMS: atom_id res chain seq x y z
N ASP A 8 -21.29 -57.21 -23.51
CA ASP A 8 -21.96 -56.85 -22.21
C ASP A 8 -22.85 -55.53 -22.26
N CYS A 9 -22.30 -54.50 -22.88
CA CYS A 9 -22.81 -53.15 -22.71
C CYS A 9 -24.20 -52.95 -23.32
N GLY A 10 -24.98 -52.05 -22.75
CA GLY A 10 -26.21 -51.56 -23.34
C GLY A 10 -27.37 -52.53 -23.25
N LEU A 11 -27.23 -53.63 -22.52
CA LEU A 11 -28.36 -54.55 -22.29
C LEU A 11 -28.71 -54.54 -20.83
N ARG A 12 -29.91 -54.07 -20.51
CA ARG A 12 -30.28 -53.79 -19.13
C ARG A 12 -30.80 -55.04 -18.44
N PRO A 13 -30.29 -55.32 -17.23
CA PRO A 13 -30.66 -56.55 -16.51
C PRO A 13 -32.15 -56.71 -16.31
N LEU A 14 -32.85 -55.61 -16.09
CA LEU A 14 -34.28 -55.67 -15.81
C LEU A 14 -35.15 -55.56 -17.04
N PHE A 15 -34.55 -55.41 -18.22
CA PHE A 15 -35.33 -55.26 -19.44
C PHE A 15 -34.87 -56.20 -20.55
N GLU A 16 -33.88 -55.79 -21.34
CA GLU A 16 -33.42 -56.67 -22.42
C GLU A 16 -33.03 -58.07 -21.89
N LYS A 17 -32.30 -58.16 -20.78
CA LYS A 17 -31.83 -59.45 -20.25
C LYS A 17 -32.99 -60.36 -19.74
N LYS A 18 -34.18 -59.79 -19.56
CA LYS A 18 -35.37 -60.52 -19.14
C LYS A 18 -36.47 -60.49 -20.22
N SER A 19 -36.11 -60.12 -21.45
CA SER A 19 -37.06 -60.00 -22.57
C SER A 19 -38.31 -59.19 -22.20
N LEU A 20 -38.10 -58.10 -21.48
CA LEU A 20 -39.19 -57.18 -21.10
C LEU A 20 -38.93 -55.80 -21.71
N GLU A 21 -40.01 -55.13 -22.13
CA GLU A 21 -39.98 -53.79 -22.72
C GLU A 21 -40.26 -52.73 -21.66
N ASP A 22 -39.50 -51.61 -21.68
CA ASP A 22 -39.88 -50.47 -20.86
C ASP A 22 -41.08 -49.75 -21.49
N LYS A 23 -41.72 -48.87 -20.74
CA LYS A 23 -43.01 -48.30 -21.14
C LYS A 23 -42.97 -47.41 -22.37
N THR A 24 -41.80 -46.91 -22.78
CA THR A 24 -41.75 -46.02 -23.96
C THR A 24 -40.73 -46.36 -25.05
N GLU A 25 -40.01 -47.48 -24.92
CA GLU A 25 -39.00 -47.82 -25.92
C GLU A 25 -39.57 -48.12 -27.28
N ARG A 26 -40.81 -48.63 -27.35
CA ARG A 26 -41.49 -48.84 -28.63
C ARG A 26 -41.56 -47.52 -29.44
N GLU A 27 -41.75 -46.39 -28.78
CA GLU A 27 -41.78 -45.09 -29.47
C GLU A 27 -40.47 -44.86 -30.22
N LEU A 28 -39.34 -45.19 -29.58
CA LEU A 28 -38.03 -45.08 -30.23
C LEU A 28 -37.89 -46.01 -31.44
N LEU A 29 -38.18 -47.30 -31.23
CA LEU A 29 -38.02 -48.30 -32.29
C LEU A 29 -38.95 -48.00 -33.44
N GLU A 30 -40.14 -47.48 -33.15
CA GLU A 30 -41.07 -47.07 -34.23
C GLU A 30 -40.53 -45.92 -35.05
N SER A 31 -39.75 -45.06 -34.43
CA SER A 31 -39.18 -43.90 -35.11
C SER A 31 -38.14 -44.31 -36.14
N TYR A 32 -37.59 -45.52 -36.00
CA TYR A 32 -36.70 -46.05 -37.04
C TYR A 32 -37.43 -46.35 -38.37
N ILE A 33 -38.74 -46.52 -38.35
CA ILE A 33 -39.46 -46.86 -39.57
C ILE A 33 -39.63 -45.65 -40.49
N ILE B 1 -35.07 -31.97 -16.69
CA ILE B 1 -35.85 -32.50 -17.86
C ILE B 1 -37.24 -31.90 -17.77
N VAL B 2 -37.63 -31.22 -18.87
CA VAL B 2 -38.95 -30.59 -19.00
C VAL B 2 -39.85 -31.53 -19.80
N GLU B 3 -41.04 -31.76 -19.26
CA GLU B 3 -42.08 -32.57 -19.91
C GLU B 3 -41.71 -34.00 -20.05
N GLY B 4 -40.94 -34.50 -19.10
CA GLY B 4 -40.66 -35.90 -19.08
C GLY B 4 -41.56 -36.60 -18.09
N SER B 5 -41.21 -37.82 -17.78
CA SER B 5 -41.91 -38.58 -16.81
C SER B 5 -40.90 -39.30 -15.92
N ASP B 6 -41.40 -39.83 -14.82
CA ASP B 6 -40.62 -40.66 -13.95
C ASP B 6 -40.08 -41.88 -14.69
N ALA B 7 -38.79 -42.12 -14.53
CA ALA B 7 -38.16 -43.35 -15.00
C ALA B 7 -38.67 -44.57 -14.23
N GLU B 8 -38.79 -45.70 -14.91
CA GLU B 8 -39.02 -46.96 -14.24
C GLU B 8 -37.69 -47.41 -13.62
N ILE B 9 -37.81 -48.18 -12.56
CA ILE B 9 -36.67 -48.79 -11.87
C ILE B 9 -35.84 -49.57 -12.89
N GLY B 10 -34.55 -49.31 -12.92
CA GLY B 10 -33.64 -50.03 -13.81
C GLY B 10 -33.69 -49.64 -15.28
N MET B 11 -34.49 -48.62 -15.60
CA MET B 11 -34.67 -48.17 -16.97
C MET B 11 -33.38 -47.51 -17.59
N SER B 12 -32.50 -46.98 -16.72
CA SER B 12 -31.32 -46.24 -17.15
C SER B 12 -30.18 -46.56 -16.21
N PRO B 13 -29.71 -47.82 -16.22
CA PRO B 13 -28.80 -48.22 -15.16
C PRO B 13 -27.40 -47.66 -15.33
N TRP B 14 -27.14 -46.97 -16.43
CA TRP B 14 -25.92 -46.26 -16.70
C TRP B 14 -25.94 -44.81 -16.17
N GLN B 15 -27.07 -44.41 -15.64
CA GLN B 15 -27.19 -43.11 -15.01
C GLN B 15 -26.22 -42.84 -13.87
N VAL B 16 -25.53 -41.71 -13.94
CA VAL B 16 -24.62 -41.26 -12.88
C VAL B 16 -24.91 -39.84 -12.43
N MET B 17 -24.84 -39.61 -11.13
CA MET B 17 -25.08 -38.32 -10.51
C MET B 17 -23.73 -37.75 -10.10
N LEU B 18 -23.47 -36.51 -10.47
CA LEU B 18 -22.24 -35.81 -10.18
C LEU B 18 -22.51 -34.79 -9.07
N PHE B 19 -21.91 -35.07 -7.87
CA PHE B 19 -22.07 -34.20 -6.71
C PHE B 19 -20.82 -33.39 -6.32
N ARG B 20 -21.07 -32.19 -5.82
N ARG B 20 -21.06 -32.18 -5.82
CA ARG B 20 -20.06 -31.48 -5.02
CA ARG B 20 -20.05 -31.47 -5.01
C ARG B 20 -19.95 -32.31 -3.72
C ARG B 20 -19.96 -32.31 -3.73
N LYS B 21 -18.74 -32.54 -3.26
CA LYS B 21 -18.54 -33.33 -2.00
C LYS B 21 -19.06 -32.66 -0.71
N SER B 22 -18.70 -31.38 -0.56
CA SER B 22 -18.95 -30.65 0.69
C SER B 22 -19.22 -29.18 0.43
N PRO B 23 -20.43 -28.69 0.69
CA PRO B 23 -21.63 -29.45 1.08
C PRO B 23 -22.09 -30.27 -0.09
N GLN B 24 -22.83 -31.34 0.19
CA GLN B 24 -23.32 -32.21 -0.85
C GLN B 24 -24.38 -31.44 -1.62
N GLU B 25 -24.12 -31.27 -2.91
CA GLU B 25 -25.02 -30.58 -3.80
C GLU B 25 -24.92 -31.30 -5.14
N LEU B 26 -26.07 -31.64 -5.71
CA LEU B 26 -26.15 -32.19 -7.04
C LEU B 26 -25.75 -31.16 -8.06
N LEU B 27 -24.74 -31.45 -8.85
CA LEU B 27 -24.29 -30.50 -9.91
C LEU B 27 -24.68 -30.86 -11.30
N CYS B 28 -24.57 -32.12 -11.71
CA CYS B 28 -24.72 -32.49 -13.13
C CYS B 28 -25.07 -33.98 -13.21
N GLY B 29 -25.55 -34.41 -14.42
CA GLY B 29 -25.58 -35.80 -14.77
C GLY B 29 -24.29 -36.30 -15.36
N ALA B 30 -24.28 -37.58 -15.60
CA ALA B 30 -23.14 -38.34 -16.10
C ALA B 30 -23.58 -39.74 -16.49
N SER B 31 -22.70 -40.55 -17.10
CA SER B 31 -23.08 -41.85 -17.62
C SER B 31 -21.96 -42.84 -17.41
N LEU B 32 -22.34 -44.07 -17.19
CA LEU B 32 -21.36 -45.14 -16.86
C LEU B 32 -21.00 -45.88 -18.12
N ILE B 33 -19.74 -45.85 -18.56
CA ILE B 33 -19.37 -46.53 -19.80
C ILE B 33 -18.47 -47.77 -19.55
N SER B 34 -18.04 -47.96 -18.32
CA SER B 34 -17.35 -49.19 -17.88
C SER B 34 -17.37 -49.24 -16.35
N ASP B 35 -16.75 -50.23 -15.72
CA ASP B 35 -16.79 -50.29 -14.27
C ASP B 35 -16.02 -49.16 -13.59
N ARG B 36 -15.11 -48.52 -14.27
CA ARG B 36 -14.49 -47.37 -13.66
C ARG B 36 -14.40 -46.10 -14.44
N TRP B 37 -15.13 -46.01 -15.54
CA TRP B 37 -15.07 -44.81 -16.35
C TRP B 37 -16.46 -44.22 -16.50
N VAL B 38 -16.50 -42.93 -16.25
CA VAL B 38 -17.76 -42.11 -16.38
C VAL B 38 -17.55 -40.91 -17.27
N LEU B 39 -18.56 -40.72 -18.09
CA LEU B 39 -18.59 -39.60 -19.09
C LEU B 39 -19.47 -38.52 -18.53
N THR B 40 -19.07 -37.27 -18.74
CA THR B 40 -19.90 -36.10 -18.42
C THR B 40 -19.57 -34.92 -19.40
N ALA B 41 -20.20 -33.80 -19.15
CA ALA B 41 -19.87 -32.59 -19.89
C ALA B 41 -18.69 -31.89 -19.18
N ALA B 42 -17.74 -31.42 -19.98
CA ALA B 42 -16.65 -30.54 -19.49
C ALA B 42 -17.08 -29.37 -18.65
N HIS B 43 -18.14 -28.67 -19.04
CA HIS B 43 -18.50 -27.45 -18.32
C HIS B 43 -19.02 -27.72 -16.91
N CYS B 44 -19.38 -28.96 -16.60
CA CYS B 44 -19.77 -29.29 -15.24
C CYS B 44 -18.52 -29.29 -14.33
N LEU B 45 -17.35 -29.37 -14.94
CA LEU B 45 -16.08 -29.43 -14.20
C LEU B 45 -15.23 -28.18 -14.36
N LEU B 46 -15.23 -27.61 -15.55
CA LEU B 46 -14.34 -26.54 -15.88
C LEU B 46 -15.09 -25.48 -16.67
N TYR B 47 -15.14 -24.30 -16.11
CA TYR B 47 -15.83 -23.18 -16.76
C TYR B 47 -15.31 -21.82 -16.21
N PRO B 48 -14.12 -21.43 -16.70
CA PRO B 48 -13.48 -20.16 -16.31
C PRO B 48 -14.32 -18.90 -16.23
N PRO B 49 -15.29 -18.68 -17.12
CA PRO B 49 -16.14 -17.50 -16.95
C PRO B 49 -16.94 -17.49 -15.64
N TRP B 50 -17.07 -18.64 -14.96
CA TRP B 50 -17.75 -18.69 -13.66
C TRP B 50 -16.78 -19.05 -12.51
N ASP B 51 -15.47 -18.90 -12.79
CA ASP B 51 -14.40 -19.26 -11.87
C ASP B 51 -14.54 -20.76 -11.42
N LYS B 52 -15.05 -21.61 -12.31
CA LYS B 52 -15.23 -23.05 -11.96
C LYS B 52 -14.04 -23.87 -12.43
N ASN B 53 -13.41 -24.59 -11.51
CA ASN B 53 -12.30 -25.52 -11.88
C ASN B 53 -12.25 -26.52 -10.81
N PHE B 54 -13.19 -27.47 -10.88
CA PHE B 54 -13.31 -28.51 -9.88
C PHE B 54 -12.17 -29.54 -10.06
N THR B 55 -11.56 -29.93 -8.95
CA THR B 55 -10.64 -31.07 -9.00
C THR B 55 -11.30 -32.35 -8.41
N GLU B 56 -10.63 -33.45 -8.61
CA GLU B 56 -11.07 -34.78 -8.11
C GLU B 56 -11.60 -34.79 -6.68
N ASN B 57 -10.85 -34.16 -5.76
CA ASN B 57 -11.30 -34.11 -4.37
C ASN B 57 -12.49 -33.24 -4.10
N ASP B 58 -12.91 -32.44 -5.06
CA ASP B 58 -14.12 -31.60 -4.87
C ASP B 58 -15.41 -32.36 -5.09
N LEU B 59 -15.32 -33.59 -5.59
CA LEU B 59 -16.48 -34.24 -6.20
C LEU B 59 -16.65 -35.65 -5.86
N LEU B 60 -17.88 -36.15 -6.03
CA LEU B 60 -18.10 -37.56 -5.96
C LEU B 60 -19.20 -37.93 -6.89
N VAL B 61 -19.33 -39.20 -7.19
CA VAL B 61 -20.47 -39.68 -7.95
C VAL B 61 -21.34 -40.67 -7.18
N ARG B 62 -22.65 -40.67 -7.45
CA ARG B 62 -23.54 -41.74 -7.03
C ARG B 62 -24.12 -42.49 -8.21
N ILE B 63 -24.16 -43.83 -8.10
CA ILE B 63 -24.55 -44.69 -9.19
C ILE B 63 -25.67 -45.63 -8.70
N GLY B 64 -26.56 -46.01 -9.58
CA GLY B 64 -27.65 -46.91 -9.30
C GLY B 64 -28.79 -46.33 -8.50
N LYS B 65 -28.93 -45.01 -8.54
CA LYS B 65 -30.04 -44.36 -7.84
C LYS B 65 -31.29 -44.12 -8.72
N HIS B 66 -32.44 -44.17 -8.06
CA HIS B 66 -33.73 -43.99 -8.75
C HIS B 66 -34.46 -42.78 -8.18
N SER B 67 -34.36 -42.63 -6.84
CA SER B 67 -35.00 -41.54 -6.07
C SER B 67 -34.02 -40.76 -5.16
N ARG B 68 -34.23 -39.46 -5.05
CA ARG B 68 -33.45 -38.64 -4.13
C ARG B 68 -34.08 -38.56 -2.75
N THR B 69 -35.30 -39.08 -2.60
CA THR B 69 -36.03 -39.00 -1.34
C THR B 69 -35.50 -39.99 -0.28
N ARG B 70 -34.93 -41.11 -0.71
CA ARG B 70 -34.58 -42.21 0.22
C ARG B 70 -33.26 -42.96 -0.13
N TYR B 71 -32.56 -43.43 0.90
CA TYR B 71 -31.35 -44.21 0.70
C TYR B 71 -31.73 -45.62 0.25
N GLU B 72 -31.08 -46.10 -0.80
CA GLU B 72 -31.42 -47.38 -1.38
C GLU B 72 -30.38 -48.48 -1.01
N ARG B 73 -30.64 -49.16 0.10
CA ARG B 73 -29.66 -50.11 0.72
C ARG B 73 -29.14 -51.21 -0.21
N ASN B 74 -27.83 -51.39 -0.20
CA ASN B 74 -27.14 -52.32 -1.08
C ASN B 74 -27.37 -52.08 -2.59
N ILE B 75 -28.04 -50.99 -2.98
CA ILE B 75 -28.35 -50.74 -4.42
C ILE B 75 -27.51 -49.58 -4.93
N GLU B 76 -27.59 -48.44 -4.25
CA GLU B 76 -26.84 -47.24 -4.66
C GLU B 76 -25.39 -47.31 -4.16
N LYS B 77 -24.48 -46.84 -4.99
CA LYS B 77 -23.06 -46.88 -4.72
C LYS B 77 -22.45 -45.50 -4.92
N ILE B 78 -21.47 -45.18 -4.08
CA ILE B 78 -20.75 -43.92 -4.17
C ILE B 78 -19.38 -44.27 -4.65
N SER B 79 -18.81 -43.39 -5.44
N SER B 79 -18.81 -43.39 -5.46
CA SER B 79 -17.42 -43.48 -5.78
CA SER B 79 -17.41 -43.47 -5.79
C SER B 79 -16.77 -42.11 -5.80
C SER B 79 -16.78 -42.10 -5.79
N MET B 80 -15.53 -42.09 -5.35
CA MET B 80 -14.69 -40.95 -5.39
C MET B 80 -14.02 -40.99 -6.74
N LEU B 81 -13.44 -39.88 -7.13
CA LEU B 81 -12.75 -39.79 -8.40
C LEU B 81 -11.22 -39.87 -8.28
N GLU B 82 -10.62 -40.71 -9.10
CA GLU B 82 -9.16 -40.78 -9.21
C GLU B 82 -8.60 -39.70 -10.09
N LYS B 83 -9.24 -39.47 -11.23
CA LYS B 83 -8.75 -38.49 -12.17
C LYS B 83 -9.85 -38.01 -13.11
N ILE B 84 -9.70 -36.77 -13.51
CA ILE B 84 -10.64 -36.02 -14.42
C ILE B 84 -9.83 -35.75 -15.66
N TYR B 85 -10.40 -35.98 -16.83
CA TYR B 85 -9.77 -35.66 -18.08
C TYR B 85 -10.75 -34.83 -18.90
N ILE B 86 -10.35 -33.61 -19.20
CA ILE B 86 -11.21 -32.72 -19.98
C ILE B 86 -10.65 -32.77 -21.39
N HIS B 87 -11.52 -32.68 -22.39
CA HIS B 87 -11.03 -32.62 -23.75
C HIS B 87 -10.05 -31.45 -23.93
N PRO B 88 -8.90 -31.66 -24.60
CA PRO B 88 -7.89 -30.57 -24.63
C PRO B 88 -8.25 -29.47 -25.58
N ARG B 89 -9.27 -29.66 -26.41
CA ARG B 89 -9.77 -28.60 -27.29
C ARG B 89 -11.25 -28.18 -26.96
N TYR B 90 -11.67 -28.46 -25.74
CA TYR B 90 -12.91 -27.94 -25.21
C TYR B 90 -12.92 -26.43 -25.27
N ASN B 91 -13.90 -25.87 -25.94
CA ASN B 91 -13.94 -24.40 -26.14
C ASN B 91 -14.95 -23.75 -25.20
N TRP B 92 -14.49 -23.41 -24.02
CA TRP B 92 -15.31 -22.73 -23.06
C TRP B 92 -15.49 -21.24 -23.40
N ARG B 93 -14.59 -20.71 -24.21
CA ARG B 93 -14.64 -19.28 -24.55
C ARG B 93 -15.80 -18.91 -25.46
N GLU B 94 -16.24 -19.82 -26.30
CA GLU B 94 -17.21 -19.45 -27.33
C GLU B 94 -18.55 -20.18 -27.28
N ASN B 95 -18.54 -21.47 -27.54
CA ASN B 95 -19.77 -22.22 -27.82
C ASN B 95 -19.81 -23.61 -27.18
N LEU B 96 -18.87 -23.87 -26.31
CA LEU B 96 -18.77 -25.22 -25.65
C LEU B 96 -18.46 -26.35 -26.62
N ASP B 97 -17.74 -26.03 -27.68
CA ASP B 97 -17.32 -27.09 -28.58
C ASP B 97 -16.53 -28.14 -27.74
N ARG B 98 -16.83 -29.41 -28.01
CA ARG B 98 -16.20 -30.54 -27.36
C ARG B 98 -16.45 -30.40 -25.91
N ASP B 99 -17.71 -30.35 -25.55
CA ASP B 99 -18.08 -30.32 -24.09
C ASP B 99 -18.11 -31.70 -23.46
N ILE B 100 -16.95 -32.22 -23.17
CA ILE B 100 -16.96 -33.63 -22.81
C ILE B 100 -15.79 -33.81 -21.88
N ALA B 101 -15.97 -34.72 -20.92
CA ALA B 101 -14.99 -35.02 -19.93
C ALA B 101 -15.20 -36.46 -19.50
N LEU B 102 -14.11 -37.08 -19.07
CA LEU B 102 -14.14 -38.43 -18.55
C LEU B 102 -13.57 -38.38 -17.11
N MET B 103 -14.17 -39.22 -16.30
CA MET B 103 -13.81 -39.30 -14.90
C MET B 103 -13.52 -40.75 -14.56
N LYS B 104 -12.34 -41.00 -14.02
CA LYS B 104 -12.00 -42.37 -13.62
C LYS B 104 -12.26 -42.55 -12.11
N LEU B 105 -12.94 -43.63 -11.75
CA LEU B 105 -13.41 -43.83 -10.43
C LEU B 105 -12.25 -44.47 -9.62
N LYS B 106 -12.13 -44.12 -8.34
CA LYS B 106 -11.09 -44.68 -7.49
C LYS B 106 -11.27 -46.17 -7.32
N LYS B 107 -12.53 -46.58 -7.14
CA LYS B 107 -12.87 -47.96 -6.96
C LYS B 107 -13.81 -48.33 -8.08
N PRO B 108 -13.48 -49.37 -8.85
CA PRO B 108 -14.45 -49.91 -9.78
C PRO B 108 -15.79 -50.25 -9.10
N VAL B 109 -16.88 -50.05 -9.83
CA VAL B 109 -18.20 -50.27 -9.30
C VAL B 109 -18.63 -51.65 -9.75
N ALA B 110 -19.34 -52.36 -8.87
CA ALA B 110 -19.84 -53.67 -9.22
C ALA B 110 -21.13 -53.47 -9.98
N PHE B 111 -21.29 -54.21 -11.09
CA PHE B 111 -22.52 -54.18 -11.86
C PHE B 111 -23.64 -54.92 -11.15
N SER B 112 -24.88 -54.57 -11.47
CA SER B 112 -26.00 -55.12 -10.73
C SER B 112 -27.24 -54.94 -11.58
N ASP B 113 -28.40 -55.30 -11.05
CA ASP B 113 -29.65 -55.05 -11.79
C ASP B 113 -29.89 -53.56 -12.03
N TYR B 114 -29.27 -52.71 -11.21
CA TYR B 114 -29.47 -51.24 -11.27
C TYR B 114 -28.27 -50.47 -11.80
N ILE B 115 -27.16 -51.17 -12.03
CA ILE B 115 -25.89 -50.55 -12.41
C ILE B 115 -25.29 -51.32 -13.58
N HIS B 116 -25.17 -50.66 -14.74
CA HIS B 116 -24.75 -51.36 -15.94
C HIS B 116 -24.38 -50.34 -17.02
N PRO B 117 -23.30 -50.60 -17.77
CA PRO B 117 -22.80 -49.58 -18.69
C PRO B 117 -23.55 -49.51 -19.95
N VAL B 118 -23.62 -48.29 -20.50
CA VAL B 118 -24.12 -48.05 -21.84
C VAL B 118 -23.03 -48.29 -22.89
N CYS B 119 -23.40 -48.54 -24.15
CA CYS B 119 -22.39 -48.73 -25.21
C CYS B 119 -22.04 -47.39 -25.86
N LEU B 120 -20.81 -47.29 -26.33
CA LEU B 120 -20.46 -46.20 -27.25
C LEU B 120 -20.59 -46.69 -28.68
N PRO B 121 -21.00 -45.81 -29.57
CA PRO B 121 -21.32 -46.21 -30.91
C PRO B 121 -20.09 -46.51 -31.76
N ASP B 122 -20.17 -47.60 -32.51
CA ASP B 122 -19.29 -47.83 -33.65
C ASP B 122 -19.75 -46.94 -34.81
N ARG B 123 -18.95 -46.85 -35.85
CA ARG B 123 -19.26 -46.00 -37.02
C ARG B 123 -20.61 -46.23 -37.71
N GLU B 124 -20.89 -47.50 -37.94
CA GLU B 124 -22.13 -47.88 -38.68
C GLU B 124 -23.34 -47.51 -37.83
N THR B 125 -23.28 -47.84 -36.55
CA THR B 125 -24.36 -47.48 -35.63
C THR B 125 -24.55 -45.97 -35.61
N ALA B 126 -23.46 -45.21 -35.56
CA ALA B 126 -23.56 -43.77 -35.56
C ALA B 126 -24.22 -43.26 -36.82
N ALA B 127 -23.74 -43.74 -37.97
CA ALA B 127 -24.29 -43.31 -39.27
C ALA B 127 -25.75 -43.72 -39.42
N SER B 128 -26.08 -44.91 -38.94
CA SER B 128 -27.47 -45.45 -39.03
C SER B 128 -28.50 -44.78 -38.14
N LEU B 129 -28.10 -44.41 -36.92
CA LEU B 129 -29.08 -43.94 -35.93
C LEU B 129 -29.11 -42.45 -35.77
N LEU B 130 -28.04 -41.77 -36.09
CA LEU B 130 -27.98 -40.37 -35.82
C LEU B 130 -28.48 -39.64 -37.00
N GLN B 131 -29.79 -39.72 -37.20
CA GLN B 131 -30.45 -39.08 -38.35
C GLN B 131 -31.71 -38.32 -37.93
N ALA B 132 -31.97 -37.21 -38.62
CA ALA B 132 -33.14 -36.38 -38.35
C ALA B 132 -34.43 -37.18 -38.32
N GLY B 133 -35.27 -36.89 -37.32
CA GLY B 133 -36.50 -37.60 -37.08
C GLY B 133 -36.40 -38.84 -36.21
N TYR B 134 -35.22 -39.44 -36.12
CA TYR B 134 -35.04 -40.59 -35.25
C TYR B 134 -35.06 -40.05 -33.83
N LYS B 135 -35.64 -40.80 -32.91
CA LYS B 135 -35.73 -40.38 -31.54
C LYS B 135 -34.64 -41.03 -30.66
N GLY B 136 -34.11 -40.24 -29.74
CA GLY B 136 -33.36 -40.79 -28.63
C GLY B 136 -34.02 -40.42 -27.30
N ARG B 137 -33.35 -40.80 -26.23
CA ARG B 137 -33.85 -40.58 -24.90
C ARG B 137 -32.84 -39.82 -24.01
N VAL B 138 -33.33 -38.87 -23.23
CA VAL B 138 -32.52 -38.02 -22.35
C VAL B 138 -33.01 -38.19 -20.93
N THR B 139 -32.04 -38.34 -19.98
CA THR B 139 -32.39 -38.54 -18.61
C THR B 139 -31.66 -37.57 -17.65
N GLY B 140 -32.33 -37.12 -16.59
CA GLY B 140 -31.73 -36.27 -15.66
C GLY B 140 -32.58 -35.92 -14.45
N TRP B 141 -31.88 -35.40 -13.44
N TRP B 141 -31.87 -35.39 -13.46
CA TRP B 141 -32.46 -34.86 -12.21
CA TRP B 141 -32.42 -34.86 -12.22
C TRP B 141 -32.43 -33.33 -12.17
C TRP B 141 -32.43 -33.34 -12.18
N GLY B 142 -32.26 -32.72 -13.35
CA GLY B 142 -32.15 -31.28 -13.46
C GLY B 142 -33.55 -30.61 -13.52
N ASN B 143 -33.55 -29.31 -13.77
CA ASN B 143 -34.77 -28.51 -13.61
C ASN B 143 -35.93 -29.02 -14.45
N LEU B 144 -37.12 -28.89 -13.88
CA LEU B 144 -38.34 -29.38 -14.50
C LEU B 144 -38.96 -28.33 -15.41
N LYS B 145 -38.49 -27.09 -15.26
CA LYS B 145 -39.03 -25.90 -16.01
C LYS B 145 -37.93 -24.88 -16.12
N GLU B 146 -37.91 -24.13 -17.19
CA GLU B 146 -36.94 -23.03 -17.29
C GLU B 146 -36.96 -22.06 -16.09
N GLY B 155 -39.03 -26.97 -8.44
CA GLY B 155 -37.68 -26.92 -9.00
C GLY B 155 -37.18 -28.23 -9.61
N GLN B 156 -36.64 -29.12 -8.75
CA GLN B 156 -36.00 -30.36 -9.18
C GLN B 156 -36.80 -31.59 -8.70
N PRO B 157 -36.82 -32.67 -9.49
CA PRO B 157 -37.62 -33.84 -9.17
C PRO B 157 -37.01 -34.76 -8.09
N SER B 158 -37.86 -35.62 -7.50
CA SER B 158 -37.44 -36.66 -6.54
C SER B 158 -37.15 -37.95 -7.25
N VAL B 159 -37.73 -38.18 -8.43
CA VAL B 159 -37.38 -39.36 -9.19
C VAL B 159 -36.75 -39.02 -10.53
N LEU B 160 -35.78 -39.83 -10.96
CA LEU B 160 -35.14 -39.58 -12.28
C LEU B 160 -36.16 -39.33 -13.36
N GLN B 161 -35.95 -38.28 -14.14
CA GLN B 161 -36.82 -37.98 -15.28
C GLN B 161 -36.25 -38.51 -16.59
N VAL B 162 -37.17 -38.86 -17.50
CA VAL B 162 -36.87 -39.32 -18.83
C VAL B 162 -37.75 -38.63 -19.89
N VAL B 163 -37.17 -38.30 -21.06
CA VAL B 163 -37.96 -37.78 -22.14
C VAL B 163 -37.37 -38.26 -23.46
N ASN B 164 -38.26 -38.68 -24.38
CA ASN B 164 -37.86 -39.09 -25.73
C ASN B 164 -38.02 -37.94 -26.72
N LEU B 165 -37.00 -37.71 -27.53
CA LEU B 165 -36.96 -36.54 -28.38
C LEU B 165 -36.32 -36.85 -29.73
N PRO B 166 -36.84 -36.24 -30.81
CA PRO B 166 -36.32 -36.53 -32.13
C PRO B 166 -35.09 -35.67 -32.47
N ILE B 167 -34.14 -36.29 -33.13
CA ILE B 167 -33.02 -35.56 -33.67
C ILE B 167 -33.54 -34.62 -34.73
N VAL B 168 -32.96 -33.43 -34.77
CA VAL B 168 -33.29 -32.40 -35.70
C VAL B 168 -32.23 -32.16 -36.81
N GLU B 169 -32.70 -31.73 -38.02
CA GLU B 169 -31.77 -31.49 -39.14
C GLU B 169 -30.82 -30.36 -38.88
N ARG B 170 -29.55 -30.55 -39.26
CA ARG B 170 -28.49 -29.59 -38.91
C ARG B 170 -28.78 -28.17 -39.34
N PRO B 171 -29.33 -27.97 -40.56
CA PRO B 171 -29.71 -26.57 -40.90
C PRO B 171 -30.71 -25.94 -39.96
N VAL B 172 -31.70 -26.72 -39.50
CA VAL B 172 -32.66 -26.21 -38.55
C VAL B 172 -31.98 -25.88 -37.18
N CYS B 173 -31.12 -26.79 -36.68
CA CYS B 173 -30.33 -26.48 -35.46
C CYS B 173 -29.60 -25.18 -35.61
N LYS B 174 -29.00 -25.00 -36.80
CA LYS B 174 -28.09 -23.87 -37.04
C LYS B 174 -28.86 -22.55 -37.11
N ASP B 175 -30.01 -22.59 -37.76
CA ASP B 175 -30.86 -21.39 -37.89
C ASP B 175 -31.61 -21.06 -36.61
N SER B 176 -31.67 -22.00 -35.66
CA SER B 176 -32.42 -21.79 -34.39
C SER B 176 -31.71 -20.88 -33.39
N THR B 177 -30.45 -20.59 -33.63
CA THR B 177 -29.62 -19.97 -32.60
C THR B 177 -28.50 -19.23 -33.22
N ARG B 178 -28.03 -18.22 -32.50
CA ARG B 178 -26.91 -17.38 -33.00
C ARG B 178 -25.59 -17.90 -32.55
N ILE B 179 -25.60 -18.83 -31.60
CA ILE B 179 -24.38 -19.39 -31.16
C ILE B 179 -23.85 -20.28 -32.28
N ARG B 180 -22.54 -20.20 -32.49
CA ARG B 180 -21.90 -20.91 -33.58
C ARG B 180 -21.88 -22.37 -33.30
N ILE B 181 -22.67 -23.15 -34.04
CA ILE B 181 -22.67 -24.58 -33.82
C ILE B 181 -21.54 -25.26 -34.58
N THR B 182 -21.13 -26.47 -34.13
CA THR B 182 -20.09 -27.19 -34.80
C THR B 182 -20.52 -28.61 -35.08
N ASP B 183 -19.71 -29.30 -35.86
CA ASP B 183 -19.99 -30.66 -36.20
C ASP B 183 -19.84 -31.57 -34.96
N ASN B 184 -19.25 -31.03 -33.91
CA ASN B 184 -19.16 -31.77 -32.61
C ASN B 184 -20.34 -31.66 -31.75
N MET B 185 -21.42 -31.08 -32.30
CA MET B 185 -22.68 -30.99 -31.58
C MET B 185 -23.78 -31.49 -32.45
N PHE B 186 -24.87 -31.92 -31.85
CA PHE B 186 -26.18 -32.01 -32.57
C PHE B 186 -27.27 -31.48 -31.72
N CYS B 187 -28.43 -31.28 -32.34
CA CYS B 187 -29.62 -30.81 -31.62
C CYS B 187 -30.84 -31.75 -31.75
N ALA B 188 -31.70 -31.70 -30.72
CA ALA B 188 -32.88 -32.53 -30.64
C ALA B 188 -34.07 -31.81 -29.98
N GLY B 189 -35.28 -32.27 -30.30
CA GLY B 189 -36.45 -31.71 -29.78
C GLY B 189 -37.55 -31.76 -30.87
N TYR B 190 -38.75 -31.58 -30.39
CA TYR B 190 -39.95 -31.37 -31.30
C TYR B 190 -39.95 -29.98 -31.91
N LYS B 191 -40.54 -29.86 -33.11
CA LYS B 191 -40.68 -28.57 -33.74
C LYS B 191 -42.05 -28.04 -33.22
N PRO B 192 -42.25 -26.70 -33.22
CA PRO B 192 -43.62 -26.22 -32.95
C PRO B 192 -44.71 -27.01 -33.72
N ASP B 193 -44.43 -27.32 -34.98
CA ASP B 193 -45.42 -27.94 -35.87
C ASP B 193 -45.87 -29.35 -35.45
N GLU B 194 -45.07 -29.98 -34.60
CA GLU B 194 -45.25 -31.41 -34.29
C GLU B 194 -46.12 -31.67 -33.11
N GLY B 195 -46.50 -30.61 -32.39
CA GLY B 195 -47.35 -30.75 -31.22
C GLY B 195 -46.64 -31.05 -29.91
N LYS B 196 -45.91 -32.18 -29.86
CA LYS B 196 -45.34 -32.67 -28.60
C LYS B 196 -44.24 -31.73 -28.17
N ARG B 197 -43.84 -31.79 -26.89
CA ARG B 197 -42.70 -30.99 -26.39
C ARG B 197 -41.75 -31.75 -25.48
N GLY B 198 -40.83 -31.02 -24.89
CA GLY B 198 -39.80 -31.66 -24.02
C GLY B 198 -38.40 -31.23 -24.36
N ASP B 199 -37.52 -31.29 -23.36
CA ASP B 199 -36.17 -30.74 -23.46
C ASP B 199 -35.40 -31.16 -22.18
N ALA B 200 -34.06 -31.14 -22.27
CA ALA B 200 -33.24 -31.12 -21.10
C ALA B 200 -33.20 -29.68 -20.57
N CYS B 201 -32.63 -29.43 -19.42
CA CYS B 201 -32.59 -28.09 -18.86
C CYS B 201 -31.41 -27.94 -17.93
N GLU B 202 -31.23 -26.77 -17.32
CA GLU B 202 -30.16 -26.58 -16.37
C GLU B 202 -30.17 -27.68 -15.32
N GLY B 203 -28.97 -28.23 -14.99
CA GLY B 203 -28.81 -29.37 -14.07
C GLY B 203 -28.74 -30.73 -14.78
N ASP B 204 -29.18 -30.82 -16.01
CA ASP B 204 -29.12 -32.08 -16.78
C ASP B 204 -27.85 -32.31 -17.54
N SER B 205 -26.97 -31.34 -17.56
CA SER B 205 -25.72 -31.45 -18.35
C SER B 205 -24.96 -32.62 -17.92
N GLY B 206 -24.32 -33.21 -18.89
CA GLY B 206 -23.54 -34.46 -18.59
C GLY B 206 -24.35 -35.73 -18.70
N GLY B 207 -25.68 -35.69 -18.50
CA GLY B 207 -26.53 -36.81 -18.74
C GLY B 207 -26.57 -37.31 -20.19
N PRO B 208 -26.96 -38.58 -20.40
CA PRO B 208 -26.84 -39.17 -21.73
C PRO B 208 -28.11 -38.97 -22.63
N PHE B 209 -27.86 -38.81 -23.91
CA PHE B 209 -28.83 -38.99 -24.95
C PHE B 209 -28.54 -40.35 -25.57
N VAL B 210 -29.44 -41.28 -25.33
CA VAL B 210 -29.25 -42.63 -25.75
C VAL B 210 -30.25 -43.05 -26.82
N MET B 211 -29.84 -44.08 -27.58
N MET B 211 -29.84 -44.07 -27.58
CA MET B 211 -30.64 -44.64 -28.66
CA MET B 211 -30.64 -44.64 -28.66
C MET B 211 -30.57 -46.14 -28.62
C MET B 211 -30.57 -46.14 -28.62
N LYS B 212 -31.69 -46.82 -28.90
CA LYS B 212 -31.71 -48.29 -28.86
C LYS B 212 -31.50 -48.80 -30.30
N SER B 213 -30.50 -49.64 -30.47
CA SER B 213 -30.22 -50.21 -31.77
C SER B 213 -31.30 -51.23 -32.18
N PRO B 214 -31.88 -51.05 -33.37
CA PRO B 214 -32.75 -52.10 -33.93
C PRO B 214 -32.01 -53.35 -34.44
N PHE B 215 -30.70 -53.27 -34.57
CA PHE B 215 -29.90 -54.33 -35.13
C PHE B 215 -29.51 -55.31 -34.04
N ASN B 216 -29.15 -54.81 -32.86
CA ASN B 216 -28.71 -55.71 -31.79
C ASN B 216 -29.38 -55.47 -30.44
N ASN B 217 -30.33 -54.54 -30.42
CA ASN B 217 -31.10 -54.21 -29.21
C ASN B 217 -30.29 -53.70 -27.98
N ARG B 218 -29.10 -53.20 -28.28
CA ARG B 218 -28.27 -52.55 -27.29
C ARG B 218 -28.55 -51.05 -27.29
N TRP B 219 -28.38 -50.46 -26.11
CA TRP B 219 -28.52 -49.01 -25.94
C TRP B 219 -27.17 -48.36 -26.14
N TYR B 220 -27.16 -47.34 -26.98
CA TYR B 220 -25.92 -46.61 -27.31
C TYR B 220 -26.00 -45.17 -26.86
N GLN B 221 -24.94 -44.64 -26.29
CA GLN B 221 -24.92 -43.20 -25.99
C GLN B 221 -24.38 -42.42 -27.14
N MET B 222 -25.26 -41.66 -27.75
CA MET B 222 -24.95 -40.81 -28.84
C MET B 222 -24.61 -39.38 -28.52
N GLY B 223 -25.15 -38.88 -27.42
CA GLY B 223 -24.91 -37.49 -27.03
C GLY B 223 -24.78 -37.25 -25.55
N ILE B 224 -24.32 -36.06 -25.20
CA ILE B 224 -24.21 -35.67 -23.82
C ILE B 224 -24.92 -34.35 -23.72
N VAL B 225 -25.87 -34.24 -22.78
CA VAL B 225 -26.52 -32.88 -22.59
C VAL B 225 -25.48 -31.79 -22.41
N SER B 226 -25.53 -30.73 -23.23
CA SER B 226 -24.44 -29.77 -23.23
C SER B 226 -24.96 -28.33 -23.02
N TRP B 227 -25.90 -27.83 -23.81
CA TRP B 227 -26.26 -26.47 -23.65
C TRP B 227 -27.66 -26.22 -24.26
N GLY B 228 -28.14 -25.08 -23.92
CA GLY B 228 -29.35 -24.58 -24.64
C GLY B 228 -29.60 -23.14 -24.30
N GLU B 229 -30.76 -22.64 -24.71
CA GLU B 229 -31.16 -21.25 -24.49
C GLU B 229 -32.61 -21.31 -23.97
N GLY B 230 -32.74 -21.15 -22.66
CA GLY B 230 -33.99 -21.46 -21.96
C GLY B 230 -34.14 -22.98 -21.94
N CYS B 231 -35.28 -23.46 -21.54
CA CYS B 231 -35.66 -24.85 -21.72
C CYS B 231 -37.05 -24.96 -22.29
N ASP B 232 -37.19 -25.86 -23.28
CA ASP B 232 -38.52 -26.14 -23.92
C ASP B 232 -39.21 -24.96 -24.56
N ARG B 233 -38.43 -23.98 -25.03
CA ARG B 233 -38.98 -22.90 -25.83
C ARG B 233 -39.32 -23.37 -27.24
N ASP B 234 -40.44 -22.89 -27.77
CA ASP B 234 -40.79 -23.09 -29.19
C ASP B 234 -39.67 -22.55 -30.09
N GLY B 235 -39.30 -23.34 -31.08
CA GLY B 235 -38.28 -22.98 -32.08
C GLY B 235 -36.85 -23.06 -31.57
N LYS B 236 -36.69 -23.53 -30.33
CA LYS B 236 -35.36 -23.79 -29.80
C LYS B 236 -35.25 -25.27 -29.61
N TYR B 237 -33.98 -25.74 -29.52
CA TYR B 237 -33.65 -27.13 -29.41
C TYR B 237 -32.47 -27.32 -28.43
N GLY B 238 -32.48 -28.43 -27.75
CA GLY B 238 -31.29 -28.70 -26.86
C GLY B 238 -30.14 -29.04 -27.72
N PHE B 239 -28.90 -28.85 -27.20
CA PHE B 239 -27.72 -29.19 -27.93
C PHE B 239 -26.93 -30.18 -27.07
N TYR B 240 -26.42 -31.13 -27.81
CA TYR B 240 -25.74 -32.33 -27.23
C TYR B 240 -24.36 -32.38 -27.81
N THR B 241 -23.39 -32.88 -27.00
CA THR B 241 -22.15 -33.13 -27.60
C THR B 241 -22.25 -34.43 -28.40
N HIS B 242 -21.61 -34.45 -29.57
CA HIS B 242 -21.68 -35.55 -30.45
C HIS B 242 -20.58 -36.57 -30.00
N VAL B 243 -21.03 -37.61 -29.32
CA VAL B 243 -20.09 -38.62 -28.74
C VAL B 243 -19.24 -39.31 -29.78
N PHE B 244 -19.85 -39.86 -30.80
CA PHE B 244 -19.06 -40.54 -31.84
C PHE B 244 -17.94 -39.71 -32.42
N ARG B 245 -18.19 -38.46 -32.71
CA ARG B 245 -17.17 -37.57 -33.27
C ARG B 245 -15.95 -37.42 -32.41
N LEU B 246 -16.17 -37.55 -31.09
CA LEU B 246 -15.07 -37.44 -30.12
C LEU B 246 -14.55 -38.75 -29.56
N LYS B 247 -14.97 -39.85 -30.16
CA LYS B 247 -14.68 -41.21 -29.58
C LYS B 247 -13.24 -41.59 -29.66
N LYS B 248 -12.47 -41.05 -30.60
CA LYS B 248 -10.98 -41.36 -30.61
C LYS B 248 -10.31 -40.78 -29.40
N TRP B 249 -10.72 -39.60 -28.96
CA TRP B 249 -10.22 -39.02 -27.76
C TRP B 249 -10.61 -39.86 -26.55
N ILE B 250 -11.90 -40.24 -26.47
CA ILE B 250 -12.37 -41.13 -25.37
C ILE B 250 -11.53 -42.36 -25.30
N GLN B 251 -11.33 -42.99 -26.45
CA GLN B 251 -10.57 -44.31 -26.45
C GLN B 251 -9.12 -44.11 -26.07
N LYS B 252 -8.50 -43.02 -26.55
CA LYS B 252 -7.10 -42.75 -26.23
C LYS B 252 -6.93 -42.57 -24.73
N VAL B 253 -7.83 -41.79 -24.11
CA VAL B 253 -7.76 -41.56 -22.66
C VAL B 253 -7.89 -42.89 -21.92
N ILE B 254 -8.91 -43.68 -22.26
CA ILE B 254 -9.14 -44.96 -21.55
C ILE B 254 -8.00 -46.01 -21.82
N ASP B 255 -7.56 -46.12 -23.07
CA ASP B 255 -6.51 -47.04 -23.50
C ASP B 255 -5.19 -46.55 -22.91
N GLN B 256 -4.92 -45.23 -22.96
CA GLN B 256 -3.57 -44.72 -22.62
C GLN B 256 -3.36 -44.57 -21.10
N PHE B 257 -4.42 -44.55 -20.28
CA PHE B 257 -4.26 -44.48 -18.83
C PHE B 257 -4.31 -45.89 -18.25
N GLY C 3 -14.31 -5.95 19.41
CA GLY C 3 -14.89 -4.64 19.05
C GLY C 3 -13.86 -3.54 18.96
N SER C 4 -13.17 -3.43 17.83
CA SER C 4 -12.01 -2.52 17.76
C SER C 4 -11.65 -1.89 16.40
N GLY C 5 -10.71 -0.95 16.50
CA GLY C 5 -9.57 -0.80 15.59
C GLY C 5 -8.37 -1.22 16.45
N GLU C 6 -7.30 -1.70 15.81
CA GLU C 6 -6.02 -2.05 16.47
C GLU C 6 -5.06 -0.82 16.60
N ALA C 7 -4.28 -0.81 17.68
CA ALA C 7 -3.46 0.33 18.14
C ALA C 7 -2.69 1.11 17.06
N ASP C 8 -1.90 0.38 16.27
CA ASP C 8 -1.05 0.99 15.30
C ASP C 8 -1.62 0.90 13.87
N CYS C 9 -2.91 0.61 13.74
CA CYS C 9 -3.51 0.40 12.42
C CYS C 9 -3.48 1.65 11.56
N GLY C 10 -3.40 1.45 10.24
CA GLY C 10 -3.48 2.52 9.26
C GLY C 10 -2.32 3.52 9.21
N LEU C 11 -1.19 3.20 9.86
CA LEU C 11 0.01 4.04 9.70
C LEU C 11 1.06 3.16 9.05
N ARG C 12 1.53 3.52 7.89
CA ARG C 12 2.38 2.66 7.07
C ARG C 12 3.83 2.86 7.43
N PRO C 13 4.54 1.76 7.75
CA PRO C 13 5.94 1.83 8.06
C PRO C 13 6.83 2.64 7.10
N LEU C 14 6.56 2.59 5.81
CA LEU C 14 7.36 3.30 4.84
C LEU C 14 6.91 4.71 4.51
N PHE C 15 5.82 5.18 5.13
CA PHE C 15 5.30 6.49 4.83
C PHE C 15 5.04 7.28 6.13
N GLU C 16 3.87 7.10 6.73
CA GLU C 16 3.54 7.87 7.94
C GLU C 16 4.63 7.69 9.02
N LYS C 17 5.07 6.47 9.27
CA LYS C 17 6.05 6.20 10.35
C LYS C 17 7.42 6.81 10.09
N LYS C 18 7.68 7.20 8.85
CA LYS C 18 8.96 7.80 8.52
C LYS C 18 8.78 9.21 7.89
N SER C 19 7.62 9.81 8.19
CA SER C 19 7.31 11.19 7.78
C SER C 19 7.51 11.41 6.29
N LEU C 20 7.05 10.46 5.49
CA LEU C 20 7.13 10.56 4.03
C LEU C 20 5.73 10.47 3.45
N GLU C 21 5.49 11.25 2.41
CA GLU C 21 4.20 11.25 1.70
C GLU C 21 4.28 10.37 0.45
N ASP C 22 3.22 9.59 0.16
CA ASP C 22 3.16 8.92 -1.12
C ASP C 22 2.77 9.91 -2.23
N LYS C 23 2.91 9.48 -3.48
CA LYS C 23 2.85 10.38 -4.63
C LYS C 23 1.48 10.99 -4.88
N THR C 24 0.40 10.38 -4.35
CA THR C 24 -0.95 10.91 -4.66
C THR C 24 -1.83 11.18 -3.46
N GLU C 25 -1.35 10.95 -2.23
CA GLU C 25 -2.20 11.17 -1.08
C GLU C 25 -2.69 12.62 -0.89
N ARG C 26 -1.89 13.59 -1.31
CA ARG C 26 -2.29 15.02 -1.23
C ARG C 26 -3.61 15.25 -1.97
N GLU C 27 -3.81 14.57 -3.08
CA GLU C 27 -5.04 14.68 -3.85
C GLU C 27 -6.26 14.34 -2.96
N LEU C 28 -6.14 13.27 -2.17
CA LEU C 28 -7.20 12.89 -1.24
C LEU C 28 -7.44 13.98 -0.18
N LEU C 29 -6.39 14.43 0.49
CA LEU C 29 -6.51 15.44 1.55
C LEU C 29 -7.07 16.72 0.97
N GLU C 30 -6.68 17.07 -0.24
CA GLU C 30 -7.17 18.31 -0.93
C GLU C 30 -8.67 18.22 -1.21
N SER C 31 -9.17 17.00 -1.37
CA SER C 31 -10.60 16.81 -1.68
C SER C 31 -11.45 17.21 -0.49
N TYR C 32 -10.87 17.11 0.71
CA TYR C 32 -11.58 17.56 1.89
C TYR C 32 -11.60 19.08 2.01
N ILE C 33 -10.54 19.71 1.56
CA ILE C 33 -10.40 21.18 1.73
C ILE C 33 -11.08 21.96 0.60
N ASP C 34 -11.12 21.43 -0.62
CA ASP C 34 -11.52 22.19 -1.83
C ASP C 34 -12.84 21.73 -2.44
N ILE D 1 -7.94 -2.65 -12.04
CA ILE D 1 -8.02 -1.20 -11.86
C ILE D 1 -7.76 -0.58 -13.25
N VAL D 2 -8.70 0.25 -13.68
CA VAL D 2 -8.64 0.95 -14.96
C VAL D 2 -8.18 2.40 -14.70
N GLU D 3 -7.20 2.83 -15.49
CA GLU D 3 -6.64 4.20 -15.43
C GLU D 3 -5.97 4.51 -14.11
N GLY D 4 -5.32 3.52 -13.54
CA GLY D 4 -4.59 3.75 -12.32
C GLY D 4 -3.14 3.83 -12.66
N SER D 5 -2.32 3.75 -11.63
CA SER D 5 -0.92 3.75 -11.82
C SER D 5 -0.32 2.73 -10.90
N ASP D 6 0.95 2.44 -11.12
CA ASP D 6 1.68 1.55 -10.27
C ASP D 6 1.76 2.09 -8.86
N ALA D 7 1.46 1.24 -7.90
CA ALA D 7 1.66 1.55 -6.49
C ALA D 7 3.12 1.66 -6.16
N GLU D 8 3.47 2.57 -5.27
CA GLU D 8 4.81 2.58 -4.68
C GLU D 8 4.92 1.42 -3.69
N ILE D 9 6.14 0.96 -3.51
CA ILE D 9 6.44 -0.07 -2.56
C ILE D 9 5.94 0.38 -1.20
N GLY D 10 5.22 -0.50 -0.50
CA GLY D 10 4.74 -0.25 0.87
C GLY D 10 3.56 0.72 0.96
N MET D 11 3.08 1.12 -0.18
CA MET D 11 2.02 2.12 -0.24
C MET D 11 0.68 1.60 0.35
N SER D 12 0.50 0.27 0.28
CA SER D 12 -0.79 -0.37 0.62
C SER D 12 -0.46 -1.65 1.34
N PRO D 13 0.12 -1.53 2.54
CA PRO D 13 0.71 -2.77 3.14
C PRO D 13 -0.36 -3.68 3.77
N TRP D 14 -1.61 -3.23 3.79
CA TRP D 14 -2.76 -4.09 4.15
C TRP D 14 -3.37 -4.88 2.93
N GLN D 15 -2.76 -4.73 1.77
CA GLN D 15 -3.18 -5.47 0.58
C GLN D 15 -3.03 -6.96 0.70
N VAL D 16 -4.04 -7.69 0.37
CA VAL D 16 -4.07 -9.13 0.38
C VAL D 16 -4.54 -9.68 -0.97
N MET D 17 -3.89 -10.74 -1.44
CA MET D 17 -4.25 -11.46 -2.60
C MET D 17 -4.92 -12.76 -2.22
N LEU D 18 -6.10 -13.00 -2.83
CA LEU D 18 -6.86 -14.24 -2.62
C LEU D 18 -6.64 -15.16 -3.83
N PHE D 19 -5.97 -16.33 -3.58
CA PHE D 19 -5.72 -17.31 -4.61
C PHE D 19 -6.52 -18.62 -4.49
N ARG D 20 -6.90 -19.17 -5.64
N ARG D 20 -6.90 -19.17 -5.64
CA ARG D 20 -7.30 -20.57 -5.75
CA ARG D 20 -7.31 -20.57 -5.76
C ARG D 20 -6.01 -21.34 -5.47
C ARG D 20 -6.02 -21.34 -5.48
N LYS D 21 -6.09 -22.40 -4.70
CA LYS D 21 -4.89 -23.24 -4.46
C LYS D 21 -4.34 -24.00 -5.72
N SER D 22 -5.23 -24.69 -6.43
CA SER D 22 -4.86 -25.66 -7.49
C SER D 22 -5.82 -25.67 -8.67
N PRO D 23 -5.39 -25.18 -9.84
CA PRO D 23 -4.16 -24.49 -10.12
C PRO D 23 -4.14 -23.16 -9.37
N GLN D 24 -2.94 -22.65 -9.13
CA GLN D 24 -2.81 -21.34 -8.56
C GLN D 24 -3.29 -20.29 -9.52
N GLU D 25 -4.31 -19.56 -9.10
CA GLU D 25 -4.91 -18.55 -9.93
C GLU D 25 -5.35 -17.45 -8.96
N LEU D 26 -4.99 -16.24 -9.28
CA LEU D 26 -5.46 -15.10 -8.54
C LEU D 26 -6.98 -14.93 -8.76
N LEU D 27 -7.76 -14.96 -7.68
CA LEU D 27 -9.21 -14.69 -7.79
C LEU D 27 -9.67 -13.29 -7.44
N CYS D 28 -9.15 -12.70 -6.38
CA CYS D 28 -9.74 -11.50 -5.80
C CYS D 28 -8.72 -10.81 -4.97
N GLY D 29 -9.03 -9.58 -4.61
CA GLY D 29 -8.26 -8.89 -3.54
C GLY D 29 -8.93 -9.13 -2.17
N ALA D 30 -8.27 -8.52 -1.19
CA ALA D 30 -8.66 -8.60 0.18
C ALA D 30 -7.85 -7.60 1.00
N SER D 31 -8.11 -7.46 2.29
CA SER D 31 -7.40 -6.47 3.09
C SER D 31 -7.14 -7.05 4.49
N LEU D 32 -5.98 -6.72 5.08
CA LEU D 32 -5.62 -7.16 6.36
C LEU D 32 -6.14 -6.25 7.43
N ILE D 33 -7.00 -6.71 8.32
CA ILE D 33 -7.45 -5.90 9.44
C ILE D 33 -6.93 -6.26 10.86
N SER D 34 -6.14 -7.32 10.92
CA SER D 34 -5.40 -7.71 12.18
C SER D 34 -4.39 -8.81 11.78
N ASP D 35 -3.57 -9.37 12.73
CA ASP D 35 -2.57 -10.36 12.36
C ASP D 35 -3.17 -11.74 12.01
N ARG D 36 -4.47 -11.95 12.32
CA ARG D 36 -5.25 -13.13 12.02
C ARG D 36 -6.45 -12.96 11.08
N TRP D 37 -6.89 -11.74 10.79
CA TRP D 37 -8.14 -11.57 10.09
C TRP D 37 -8.06 -10.73 8.79
N VAL D 38 -8.73 -11.26 7.75
CA VAL D 38 -8.73 -10.65 6.40
C VAL D 38 -10.14 -10.47 6.00
N LEU D 39 -10.35 -9.31 5.38
CA LEU D 39 -11.63 -8.91 4.87
C LEU D 39 -11.65 -9.03 3.35
N THR D 40 -12.80 -9.44 2.78
CA THR D 40 -12.98 -9.54 1.34
C THR D 40 -14.48 -9.46 0.99
N ALA D 41 -14.76 -9.56 -0.28
CA ALA D 41 -16.13 -9.64 -0.75
C ALA D 41 -16.65 -11.10 -0.61
N ALA D 42 -17.89 -11.26 -0.13
CA ALA D 42 -18.53 -12.57 -0.17
C ALA D 42 -18.51 -13.23 -1.50
N HIS D 43 -18.85 -12.47 -2.58
CA HIS D 43 -19.03 -13.11 -3.93
C HIS D 43 -17.72 -13.71 -4.50
N CYS D 44 -16.60 -13.40 -3.88
CA CYS D 44 -15.35 -14.05 -4.28
C CYS D 44 -15.32 -15.48 -3.74
N LEU D 45 -16.15 -15.75 -2.75
CA LEU D 45 -16.17 -17.04 -2.04
C LEU D 45 -17.44 -17.82 -2.30
N LEU D 46 -18.58 -17.14 -2.41
CA LEU D 46 -19.85 -17.79 -2.49
C LEU D 46 -20.72 -17.08 -3.52
N TYR D 47 -21.06 -17.81 -4.57
CA TYR D 47 -21.88 -17.22 -5.68
C TYR D 47 -22.65 -18.33 -6.43
N PRO D 48 -23.76 -18.77 -5.83
CA PRO D 48 -24.59 -19.85 -6.40
C PRO D 48 -24.93 -19.80 -7.84
N PRO D 49 -25.26 -18.61 -8.42
CA PRO D 49 -25.45 -18.62 -9.85
C PRO D 49 -24.30 -19.14 -10.72
N TRP D 50 -23.09 -19.21 -10.17
CA TRP D 50 -21.94 -19.73 -10.91
C TRP D 50 -21.44 -21.03 -10.31
N ASP D 51 -22.25 -21.64 -9.46
CA ASP D 51 -21.85 -22.88 -8.72
C ASP D 51 -20.61 -22.64 -7.94
N LYS D 52 -20.46 -21.42 -7.45
CA LYS D 52 -19.26 -21.09 -6.62
C LYS D 52 -19.52 -21.19 -5.17
N ASN D 53 -18.69 -22.02 -4.48
CA ASN D 53 -18.85 -22.17 -3.05
C ASN D 53 -17.55 -22.68 -2.57
N PHE D 54 -16.60 -21.77 -2.49
CA PHE D 54 -15.24 -22.11 -2.04
C PHE D 54 -15.23 -22.25 -0.55
N THR D 55 -14.54 -23.28 -0.10
CA THR D 55 -14.23 -23.43 1.30
C THR D 55 -12.72 -23.12 1.50
N GLU D 56 -12.35 -23.10 2.74
CA GLU D 56 -10.98 -22.92 3.21
C GLU D 56 -9.93 -23.60 2.36
N ASN D 57 -10.09 -24.91 2.13
CA ASN D 57 -9.00 -25.71 1.54
C ASN D 57 -8.86 -25.40 0.09
N ASP D 58 -9.82 -24.65 -0.47
CA ASP D 58 -9.76 -24.33 -1.87
C ASP D 58 -8.87 -23.12 -2.12
N LEU D 59 -8.43 -22.48 -1.00
CA LEU D 59 -7.84 -21.17 -1.07
C LEU D 59 -6.54 -20.93 -0.26
N LEU D 60 -5.82 -19.89 -0.67
CA LEU D 60 -4.80 -19.33 0.17
C LEU D 60 -4.69 -17.82 -0.06
N VAL D 61 -3.97 -17.14 0.82
CA VAL D 61 -3.66 -15.76 0.63
C VAL D 61 -2.17 -15.49 0.55
N ARG D 62 -1.82 -14.43 -0.19
CA ARG D 62 -0.45 -13.88 -0.18
C ARG D 62 -0.49 -12.45 0.31
N ILE D 63 0.45 -12.12 1.20
CA ILE D 63 0.46 -10.87 1.91
C ILE D 63 1.81 -10.21 1.72
N GLY D 64 1.81 -8.87 1.63
CA GLY D 64 3.01 -8.08 1.41
C GLY D 64 3.60 -8.05 0.01
N LYS D 65 2.79 -8.28 -1.03
CA LYS D 65 3.31 -8.33 -2.42
C LYS D 65 3.15 -7.00 -3.14
N HIS D 66 4.07 -6.74 -4.06
CA HIS D 66 4.02 -5.56 -4.90
C HIS D 66 3.84 -5.96 -6.37
N SER D 67 4.52 -7.05 -6.79
CA SER D 67 4.47 -7.55 -8.16
C SER D 67 3.81 -8.95 -8.22
N ARG D 68 2.74 -9.15 -9.01
CA ARG D 68 2.15 -10.54 -9.09
C ARG D 68 3.03 -11.48 -9.90
N THR D 69 3.80 -10.91 -10.83
CA THR D 69 4.72 -11.67 -11.71
C THR D 69 6.17 -11.78 -11.24
N ARG D 70 6.54 -11.22 -10.08
CA ARG D 70 7.91 -11.42 -9.56
C ARG D 70 7.89 -11.90 -8.10
N TYR D 71 8.81 -12.77 -7.78
CA TYR D 71 8.92 -13.27 -6.43
C TYR D 71 9.67 -12.26 -5.60
N GLU D 72 9.10 -11.89 -4.45
CA GLU D 72 9.67 -10.83 -3.60
C GLU D 72 10.29 -11.45 -2.33
N ARG D 73 11.56 -11.85 -2.50
CA ARG D 73 12.30 -12.59 -1.48
C ARG D 73 12.29 -11.94 -0.12
N ASN D 74 11.97 -12.73 0.90
CA ASN D 74 11.85 -12.24 2.27
C ASN D 74 10.84 -11.12 2.53
N ILE D 75 9.96 -10.84 1.58
CA ILE D 75 8.97 -9.81 1.79
C ILE D 75 7.59 -10.42 1.85
N GLU D 76 7.30 -11.22 0.83
CA GLU D 76 5.95 -11.81 0.68
C GLU D 76 5.72 -13.03 1.58
N LYS D 77 4.49 -13.17 2.10
CA LYS D 77 4.10 -14.27 3.01
C LYS D 77 2.88 -14.98 2.50
N ILE D 78 2.81 -16.28 2.70
CA ILE D 78 1.63 -17.09 2.38
C ILE D 78 0.95 -17.50 3.65
N SER D 79 -0.37 -17.49 3.67
CA SER D 79 -1.14 -18.08 4.76
C SER D 79 -2.27 -18.90 4.24
N MET D 80 -2.53 -20.01 4.96
CA MET D 80 -3.67 -20.82 4.74
C MET D 80 -4.82 -20.22 5.56
N LEU D 81 -6.03 -20.60 5.20
CA LEU D 81 -7.23 -20.18 5.91
C LEU D 81 -7.74 -21.23 6.92
N GLU D 82 -7.96 -20.81 8.15
CA GLU D 82 -8.66 -21.61 9.12
C GLU D 82 -10.15 -21.71 8.95
N LYS D 83 -10.77 -20.58 8.62
CA LYS D 83 -12.20 -20.51 8.49
C LYS D 83 -12.63 -19.27 7.68
N ILE D 84 -13.72 -19.44 6.97
CA ILE D 84 -14.39 -18.38 6.11
C ILE D 84 -15.70 -18.08 6.80
N TYR D 85 -16.09 -16.79 6.87
CA TYR D 85 -17.35 -16.42 7.45
C TYR D 85 -18.01 -15.41 6.49
N ILE D 86 -19.11 -15.85 5.96
CA ILE D 86 -19.84 -15.00 4.97
C ILE D 86 -20.95 -14.32 5.74
N HIS D 87 -21.26 -13.05 5.41
CA HIS D 87 -22.39 -12.35 6.02
C HIS D 87 -23.70 -13.16 5.78
N PRO D 88 -24.46 -13.46 6.84
CA PRO D 88 -25.65 -14.32 6.67
C PRO D 88 -26.79 -13.69 5.90
N ARG D 89 -26.78 -12.39 5.73
CA ARG D 89 -27.75 -11.71 4.91
C ARG D 89 -27.18 -11.19 3.61
N TYR D 90 -26.08 -11.72 3.15
CA TYR D 90 -25.53 -11.44 1.81
C TYR D 90 -26.44 -11.87 0.75
N ASN D 91 -26.87 -10.94 -0.09
CA ASN D 91 -27.88 -11.20 -1.10
C ASN D 91 -27.29 -11.38 -2.50
N TRP D 92 -26.88 -12.61 -2.76
CA TRP D 92 -26.40 -12.99 -4.08
C TRP D 92 -27.50 -13.00 -5.18
N ARG D 93 -28.77 -13.06 -4.76
CA ARG D 93 -29.89 -13.29 -5.71
C ARG D 93 -30.20 -12.03 -6.49
N GLU D 94 -29.89 -10.89 -5.90
CA GLU D 94 -30.33 -9.65 -6.44
C GLU D 94 -29.25 -8.67 -6.81
N ASN D 95 -28.56 -8.12 -5.83
CA ASN D 95 -27.73 -6.95 -6.01
C ASN D 95 -26.44 -7.00 -5.19
N LEU D 96 -26.12 -8.16 -4.66
CA LEU D 96 -24.91 -8.29 -3.77
C LEU D 96 -24.96 -7.44 -2.49
N ASP D 97 -26.16 -7.17 -1.99
CA ASP D 97 -26.29 -6.50 -0.75
C ASP D 97 -25.45 -7.27 0.31
N ARG D 98 -24.70 -6.51 1.08
CA ARG D 98 -23.81 -7.05 2.11
C ARG D 98 -22.83 -7.97 1.48
N ASP D 99 -22.11 -7.49 0.51
CA ASP D 99 -21.04 -8.31 -0.10
C ASP D 99 -19.72 -8.36 0.73
N ILE D 100 -19.69 -9.16 1.76
CA ILE D 100 -18.56 -9.07 2.74
C ILE D 100 -18.40 -10.40 3.34
N ALA D 101 -17.09 -10.73 3.62
CA ALA D 101 -16.77 -11.97 4.23
C ALA D 101 -15.48 -11.72 4.99
N LEU D 102 -15.28 -12.48 6.06
CA LEU D 102 -14.03 -12.49 6.79
C LEU D 102 -13.39 -13.85 6.64
N MET D 103 -12.07 -13.84 6.62
CA MET D 103 -11.29 -15.08 6.58
C MET D 103 -10.29 -15.03 7.74
N LYS D 104 -10.29 -16.09 8.55
CA LYS D 104 -9.32 -16.19 9.62
C LYS D 104 -8.12 -17.09 9.24
N LEU D 105 -6.93 -16.57 9.47
CA LEU D 105 -5.72 -17.16 8.96
C LEU D 105 -5.38 -18.25 9.96
N LYS D 106 -4.78 -19.33 9.46
CA LYS D 106 -4.36 -20.45 10.32
C LYS D 106 -3.32 -19.98 11.31
N LYS D 107 -2.37 -19.19 10.83
CA LYS D 107 -1.25 -18.72 11.65
C LYS D 107 -1.26 -17.20 11.50
N PRO D 108 -1.04 -16.49 12.61
CA PRO D 108 -0.85 -15.09 12.54
C PRO D 108 0.31 -14.67 11.63
N VAL D 109 0.15 -13.56 10.92
CA VAL D 109 1.20 -13.09 10.01
C VAL D 109 2.03 -12.10 10.84
N ALA D 110 3.35 -12.09 10.62
CA ALA D 110 4.19 -11.07 11.20
C ALA D 110 4.08 -9.77 10.40
N PHE D 111 3.91 -8.65 11.09
CA PHE D 111 3.97 -7.36 10.52
C PHE D 111 5.37 -6.97 10.07
N SER D 112 5.48 -6.06 9.13
CA SER D 112 6.78 -5.72 8.58
C SER D 112 6.67 -4.39 7.91
N ASP D 113 7.74 -3.93 7.27
CA ASP D 113 7.61 -2.72 6.47
C ASP D 113 6.53 -2.83 5.35
N TYR D 114 6.27 -4.05 4.92
CA TYR D 114 5.36 -4.30 3.76
C TYR D 114 4.01 -4.89 4.14
N ILE D 115 3.83 -5.18 5.43
CA ILE D 115 2.64 -5.90 5.95
C ILE D 115 2.14 -5.22 7.20
N HIS D 116 0.91 -4.65 7.11
CA HIS D 116 0.43 -3.83 8.22
C HIS D 116 -1.05 -3.63 8.04
N PRO D 117 -1.83 -3.70 9.15
CA PRO D 117 -3.25 -3.59 9.04
C PRO D 117 -3.77 -2.19 8.81
N VAL D 118 -4.92 -2.13 8.12
CA VAL D 118 -5.70 -0.88 7.93
C VAL D 118 -6.68 -0.70 9.09
N CYS D 119 -7.19 0.53 9.32
CA CYS D 119 -8.14 0.74 10.42
C CYS D 119 -9.54 0.55 9.88
N LEU D 120 -10.42 0.14 10.74
CA LEU D 120 -11.89 0.28 10.40
C LEU D 120 -12.41 1.49 11.06
N PRO D 121 -13.34 2.19 10.39
CA PRO D 121 -13.84 3.46 10.82
C PRO D 121 -14.78 3.46 12.03
N ASP D 122 -14.48 4.35 12.97
CA ASP D 122 -15.38 4.72 14.03
C ASP D 122 -16.49 5.63 13.42
N ARG D 123 -17.57 5.85 14.15
CA ARG D 123 -18.75 6.55 13.63
C ARG D 123 -18.48 7.94 13.09
N GLU D 124 -17.75 8.71 13.86
CA GLU D 124 -17.46 10.10 13.51
C GLU D 124 -16.59 10.15 12.25
N THR D 125 -15.54 9.30 12.18
CA THR D 125 -14.77 9.21 10.96
C THR D 125 -15.59 8.82 9.78
N ALA D 126 -16.46 7.82 9.92
CA ALA D 126 -17.36 7.43 8.83
C ALA D 126 -18.24 8.59 8.34
N ALA D 127 -18.93 9.21 9.28
CA ALA D 127 -19.89 10.27 8.96
C ALA D 127 -19.12 11.45 8.34
N SER D 128 -17.92 11.73 8.87
CA SER D 128 -17.09 12.88 8.36
C SER D 128 -16.51 12.69 6.98
N LEU D 129 -16.11 11.47 6.66
CA LEU D 129 -15.33 11.27 5.42
C LEU D 129 -16.13 10.69 4.30
N LEU D 130 -17.14 9.94 4.62
CA LEU D 130 -17.88 9.25 3.59
C LEU D 130 -18.91 10.21 3.04
N GLN D 131 -18.43 11.23 2.34
CA GLN D 131 -19.33 12.26 1.75
C GLN D 131 -19.00 12.55 0.31
N ALA D 132 -20.05 12.82 -0.46
CA ALA D 132 -19.92 13.09 -1.90
C ALA D 132 -18.85 14.13 -2.22
N GLY D 133 -18.07 13.86 -3.26
CA GLY D 133 -16.96 14.69 -3.66
C GLY D 133 -15.65 14.40 -2.94
N TYR D 134 -15.71 13.78 -1.77
CA TYR D 134 -14.44 13.37 -1.06
C TYR D 134 -13.87 12.19 -1.78
N LYS D 135 -12.53 12.11 -1.87
CA LYS D 135 -11.92 11.12 -2.69
C LYS D 135 -11.38 10.01 -1.76
N GLY D 136 -11.53 8.77 -2.18
CA GLY D 136 -10.72 7.66 -1.57
C GLY D 136 -9.90 6.96 -2.62
N ARG D 137 -9.28 5.84 -2.23
CA ARG D 137 -8.31 5.13 -3.05
C ARG D 137 -8.60 3.62 -3.13
N VAL D 138 -8.53 3.09 -4.34
CA VAL D 138 -8.82 1.71 -4.57
C VAL D 138 -7.60 1.09 -5.14
N THR D 139 -7.33 -0.14 -4.71
CA THR D 139 -6.13 -0.87 -5.16
C THR D 139 -6.46 -2.31 -5.57
N GLY D 140 -5.73 -2.84 -6.54
CA GLY D 140 -5.89 -4.19 -6.99
C GLY D 140 -5.02 -4.65 -8.16
N TRP D 141 -5.01 -5.95 -8.34
CA TRP D 141 -4.36 -6.61 -9.47
C TRP D 141 -5.31 -7.08 -10.52
N GLY D 142 -6.54 -6.55 -10.48
CA GLY D 142 -7.57 -7.00 -11.39
C GLY D 142 -7.44 -6.32 -12.77
N ASN D 143 -8.43 -6.52 -13.61
CA ASN D 143 -8.31 -6.14 -15.03
C ASN D 143 -8.05 -4.66 -15.28
N LEU D 144 -7.23 -4.39 -16.30
CA LEU D 144 -6.80 -3.02 -16.61
C LEU D 144 -7.75 -2.33 -17.55
N LYS D 145 -8.63 -3.12 -18.16
CA LYS D 145 -9.63 -2.64 -19.14
C LYS D 145 -10.84 -3.55 -19.05
N GLU D 146 -12.01 -3.02 -19.31
CA GLU D 146 -13.19 -3.88 -19.42
C GLU D 146 -12.99 -5.10 -20.39
N THR D 147 -13.34 -6.31 -19.90
CA THR D 147 -13.60 -7.51 -20.72
C THR D 147 -14.87 -8.24 -20.26
N GLY D 155 -4.84 -6.67 -20.27
CA GLY D 155 -4.78 -7.88 -19.44
C GLY D 155 -4.80 -7.57 -17.94
N GLN D 156 -4.01 -8.33 -17.16
CA GLN D 156 -3.80 -8.03 -15.75
C GLN D 156 -2.38 -7.51 -15.52
N PRO D 157 -2.20 -6.57 -14.58
CA PRO D 157 -0.89 -5.94 -14.39
C PRO D 157 0.08 -6.79 -13.64
N SER D 158 1.36 -6.44 -13.70
CA SER D 158 2.29 -7.09 -12.82
C SER D 158 2.34 -6.29 -11.50
N VAL D 159 2.34 -4.97 -11.59
CA VAL D 159 2.56 -4.17 -10.38
C VAL D 159 1.19 -3.76 -9.84
N LEU D 160 0.99 -3.89 -8.52
CA LEU D 160 -0.29 -3.42 -7.91
C LEU D 160 -0.69 -2.08 -8.48
N GLN D 161 -1.94 -1.97 -8.86
CA GLN D 161 -2.50 -0.71 -9.33
C GLN D 161 -3.31 0.05 -8.26
N VAL D 162 -3.27 1.38 -8.35
CA VAL D 162 -3.92 2.28 -7.45
C VAL D 162 -4.65 3.39 -8.24
N VAL D 163 -5.82 3.78 -7.76
CA VAL D 163 -6.53 4.91 -8.39
C VAL D 163 -7.33 5.64 -7.30
N ASN D 164 -7.30 6.96 -7.34
CA ASN D 164 -8.10 7.80 -6.46
C ASN D 164 -9.40 8.23 -7.11
N LEU D 165 -10.51 8.11 -6.37
CA LEU D 165 -11.82 8.38 -6.95
C LEU D 165 -12.73 9.10 -5.97
N PRO D 166 -13.61 9.98 -6.46
CA PRO D 166 -14.51 10.65 -5.57
C PRO D 166 -15.78 9.86 -5.28
N ILE D 167 -16.22 9.93 -4.01
CA ILE D 167 -17.49 9.40 -3.62
C ILE D 167 -18.58 10.18 -4.37
N VAL D 168 -19.58 9.44 -4.79
CA VAL D 168 -20.70 10.02 -5.56
C VAL D 168 -21.97 10.06 -4.74
N GLU D 169 -22.81 11.05 -5.04
CA GLU D 169 -24.07 11.24 -4.35
C GLU D 169 -25.03 10.12 -4.63
N ARG D 170 -25.78 9.72 -3.60
CA ARG D 170 -26.60 8.54 -3.69
C ARG D 170 -27.62 8.58 -4.78
N PRO D 171 -28.30 9.79 -5.02
CA PRO D 171 -29.20 9.79 -6.12
C PRO D 171 -28.54 9.48 -7.47
N VAL D 172 -27.34 10.01 -7.66
CA VAL D 172 -26.61 9.79 -8.91
C VAL D 172 -26.27 8.30 -9.09
N CYS D 173 -25.78 7.69 -7.99
CA CYS D 173 -25.52 6.22 -7.99
C CYS D 173 -26.79 5.48 -8.41
N LYS D 174 -27.89 5.85 -7.78
CA LYS D 174 -29.21 5.20 -8.00
C LYS D 174 -29.70 5.32 -9.43
N ASP D 175 -29.59 6.52 -10.00
CA ASP D 175 -30.05 6.77 -11.39
C ASP D 175 -29.10 6.18 -12.42
N SER D 176 -27.89 5.78 -12.00
CA SER D 176 -26.91 5.25 -12.95
C SER D 176 -27.15 3.82 -13.38
N THR D 177 -28.04 3.12 -12.70
CA THR D 177 -28.17 1.72 -12.89
C THR D 177 -29.53 1.27 -12.56
N ARG D 178 -29.92 0.16 -13.20
CA ARG D 178 -31.20 -0.50 -12.95
C ARG D 178 -31.18 -1.42 -11.76
N ILE D 179 -29.98 -1.80 -11.34
CA ILE D 179 -29.89 -2.70 -10.22
C ILE D 179 -30.27 -1.94 -8.97
N ARG D 180 -31.04 -2.56 -8.10
CA ARG D 180 -31.53 -1.94 -6.87
C ARG D 180 -30.39 -1.70 -5.91
N ILE D 181 -30.06 -0.45 -5.64
CA ILE D 181 -28.97 -0.17 -4.66
C ILE D 181 -29.49 -0.15 -3.22
N THR D 182 -28.61 -0.43 -2.23
CA THR D 182 -29.00 -0.34 -0.85
C THR D 182 -28.06 0.58 -0.07
N ASP D 183 -28.44 0.85 1.18
CA ASP D 183 -27.67 1.71 2.02
C ASP D 183 -26.39 0.96 2.45
N ASN D 184 -26.37 -0.32 2.18
CA ASN D 184 -25.10 -1.09 2.43
C ASN D 184 -24.08 -1.03 1.31
N MET D 185 -24.25 -0.13 0.35
CA MET D 185 -23.37 0.12 -0.73
C MET D 185 -23.18 1.63 -0.92
N PHE D 186 -22.05 2.02 -1.50
CA PHE D 186 -21.84 3.34 -1.99
C PHE D 186 -21.18 3.22 -3.32
N CYS D 187 -21.21 4.30 -4.06
CA CYS D 187 -20.56 4.35 -5.35
C CYS D 187 -19.53 5.45 -5.42
N ALA D 188 -18.58 5.29 -6.33
CA ALA D 188 -17.45 6.18 -6.50
C ALA D 188 -16.95 6.16 -7.92
N GLY D 189 -16.45 7.32 -8.37
CA GLY D 189 -15.98 7.50 -9.72
C GLY D 189 -16.26 8.93 -10.17
N TYR D 190 -15.56 9.31 -11.23
CA TYR D 190 -15.78 10.62 -11.86
C TYR D 190 -17.03 10.61 -12.74
N LYS D 191 -17.66 11.77 -12.84
CA LYS D 191 -18.82 11.96 -13.73
C LYS D 191 -18.29 12.26 -15.12
N PRO D 192 -19.11 11.98 -16.13
CA PRO D 192 -18.68 12.27 -17.51
C PRO D 192 -18.17 13.71 -17.68
N ASP D 193 -18.89 14.66 -17.05
CA ASP D 193 -18.57 16.09 -17.20
C ASP D 193 -17.23 16.47 -16.54
N GLU D 194 -16.71 15.63 -15.64
CA GLU D 194 -15.55 16.00 -14.83
C GLU D 194 -14.21 15.75 -15.50
N GLY D 195 -14.20 15.13 -16.67
CA GLY D 195 -12.95 14.92 -17.43
C GLY D 195 -12.14 13.68 -17.03
N LYS D 196 -11.82 13.54 -15.75
CA LYS D 196 -10.95 12.43 -15.27
C LYS D 196 -11.71 11.12 -15.26
N ARG D 197 -10.98 10.01 -15.30
CA ARG D 197 -11.60 8.72 -15.23
C ARG D 197 -10.93 7.74 -14.25
N GLY D 198 -11.37 6.49 -14.31
CA GLY D 198 -10.83 5.45 -13.43
C GLY D 198 -11.92 4.68 -12.73
N ASP D 199 -11.59 3.43 -12.37
CA ASP D 199 -12.56 2.49 -11.84
C ASP D 199 -11.84 1.24 -11.40
N ALA D 200 -12.48 0.48 -10.49
CA ALA D 200 -12.09 -0.91 -10.26
C ALA D 200 -12.67 -1.74 -11.40
N CYS D 201 -12.30 -3.01 -11.49
CA CYS D 201 -12.85 -3.84 -12.54
C CYS D 201 -12.89 -5.27 -12.07
N GLU D 202 -13.30 -6.19 -12.93
CA GLU D 202 -13.27 -7.59 -12.59
C GLU D 202 -11.88 -8.01 -12.09
N GLY D 203 -11.84 -8.81 -11.05
CA GLY D 203 -10.56 -9.23 -10.33
C GLY D 203 -10.20 -8.32 -9.16
N ASP D 204 -10.80 -7.13 -9.09
CA ASP D 204 -10.49 -6.23 -7.99
C ASP D 204 -11.34 -6.49 -6.74
N SER D 205 -12.39 -7.30 -6.88
CA SER D 205 -13.34 -7.44 -5.83
C SER D 205 -12.61 -7.83 -4.59
N GLY D 206 -13.14 -7.39 -3.48
CA GLY D 206 -12.55 -7.69 -2.19
C GLY D 206 -11.43 -6.79 -1.79
N GLY D 207 -10.81 -6.09 -2.74
CA GLY D 207 -9.91 -5.02 -2.48
C GLY D 207 -10.51 -3.83 -1.71
N PRO D 208 -9.64 -3.06 -0.98
CA PRO D 208 -10.12 -1.97 -0.14
C PRO D 208 -10.30 -0.63 -0.92
N PHE D 209 -11.30 0.09 -0.50
CA PHE D 209 -11.43 1.50 -0.79
C PHE D 209 -11.11 2.22 0.49
N VAL D 210 -10.00 2.92 0.50
CA VAL D 210 -9.45 3.51 1.73
C VAL D 210 -9.49 5.06 1.63
N MET D 211 -9.56 5.70 2.80
CA MET D 211 -9.47 7.10 2.96
C MET D 211 -8.47 7.44 4.02
N LYS D 212 -7.75 8.54 3.83
CA LYS D 212 -6.77 9.02 4.86
C LYS D 212 -7.42 10.07 5.68
N SER D 213 -7.47 9.84 6.98
CA SER D 213 -8.10 10.83 7.88
C SER D 213 -7.25 12.13 8.03
N PRO D 214 -7.88 13.29 7.89
CA PRO D 214 -7.17 14.54 8.17
C PRO D 214 -7.02 14.83 9.66
N PHE D 215 -7.79 14.11 10.49
CA PHE D 215 -7.89 14.33 11.92
C PHE D 215 -6.81 13.57 12.65
N ASN D 216 -6.48 12.41 12.17
CA ASN D 216 -5.40 11.61 12.82
C ASN D 216 -4.42 10.96 11.88
N ASN D 217 -4.53 11.22 10.57
CA ASN D 217 -3.59 10.73 9.55
CA ASN D 217 -3.50 10.73 9.62
C ASN D 217 -3.45 9.21 9.42
N ARG D 218 -4.46 8.49 9.92
CA ARG D 218 -4.58 7.08 9.74
C ARG D 218 -5.38 6.77 8.48
N TRP D 219 -5.06 5.65 7.88
CA TRP D 219 -5.78 5.09 6.74
C TRP D 219 -6.91 4.20 7.20
N TYR D 220 -8.14 4.56 6.72
CA TYR D 220 -9.34 3.82 7.08
C TYR D 220 -9.98 3.08 5.87
N GLN D 221 -10.38 1.82 6.07
CA GLN D 221 -11.11 1.14 5.02
C GLN D 221 -12.58 1.42 5.10
N MET D 222 -13.06 2.24 4.14
CA MET D 222 -14.44 2.56 4.05
C MET D 222 -15.25 1.64 3.17
N GLY D 223 -14.66 1.06 2.15
CA GLY D 223 -15.37 0.18 1.26
C GLY D 223 -14.68 -1.06 0.80
N ILE D 224 -15.41 -1.97 0.17
CA ILE D 224 -14.75 -3.20 -0.37
C ILE D 224 -15.27 -3.09 -1.85
N VAL D 225 -14.35 -3.31 -2.77
CA VAL D 225 -14.81 -3.45 -4.18
C VAL D 225 -15.86 -4.55 -4.30
N SER D 226 -17.07 -4.19 -4.90
CA SER D 226 -18.12 -5.21 -4.86
C SER D 226 -18.60 -5.52 -6.31
N TRP D 227 -19.06 -4.49 -7.03
CA TRP D 227 -19.64 -4.76 -8.35
C TRP D 227 -19.60 -3.54 -9.23
N GLY D 228 -19.92 -3.77 -10.48
CA GLY D 228 -20.15 -2.70 -11.44
C GLY D 228 -20.80 -3.24 -12.72
N GLU D 229 -20.86 -2.41 -13.75
CA GLU D 229 -21.43 -2.76 -15.07
C GLU D 229 -20.45 -2.24 -16.09
N GLY D 230 -19.73 -3.15 -16.71
CA GLY D 230 -18.52 -2.79 -17.42
C GLY D 230 -17.47 -2.25 -16.46
N CYS D 231 -16.42 -1.65 -16.98
CA CYS D 231 -15.47 -0.88 -16.19
C CYS D 231 -15.15 0.44 -16.85
N ASP D 232 -15.14 1.51 -16.06
CA ASP D 232 -14.80 2.87 -16.53
C ASP D 232 -15.67 3.41 -17.66
N ARG D 233 -16.93 2.98 -17.71
CA ARG D 233 -17.89 3.53 -18.65
C ARG D 233 -18.35 4.91 -18.19
N ASP D 234 -18.52 5.82 -19.15
CA ASP D 234 -19.10 7.09 -18.86
C ASP D 234 -20.50 6.89 -18.30
N GLY D 235 -20.83 7.63 -17.25
CA GLY D 235 -22.17 7.60 -16.62
C GLY D 235 -22.40 6.40 -15.72
N LYS D 236 -21.40 5.52 -15.60
CA LYS D 236 -21.47 4.38 -14.66
C LYS D 236 -20.48 4.61 -13.56
N TYR D 237 -20.66 3.91 -12.43
CA TYR D 237 -19.84 4.08 -11.21
C TYR D 237 -19.57 2.74 -10.56
N GLY D 238 -18.41 2.57 -9.93
CA GLY D 238 -18.18 1.33 -9.21
C GLY D 238 -18.92 1.32 -7.90
N PHE D 239 -19.30 0.10 -7.43
CA PHE D 239 -20.05 0.03 -6.20
C PHE D 239 -19.19 -0.74 -5.21
N TYR D 240 -19.35 -0.29 -3.99
CA TYR D 240 -18.45 -0.71 -2.87
C TYR D 240 -19.33 -1.10 -1.72
N THR D 241 -18.96 -2.20 -1.03
CA THR D 241 -19.63 -2.46 0.19
C THR D 241 -19.29 -1.44 1.23
N HIS D 242 -20.30 -0.99 1.97
CA HIS D 242 -20.17 0.06 3.00
C HIS D 242 -19.67 -0.61 4.32
N VAL D 243 -18.40 -0.55 4.59
CA VAL D 243 -17.77 -1.28 5.73
C VAL D 243 -18.36 -0.79 7.04
N PHE D 244 -18.43 0.51 7.25
CA PHE D 244 -18.94 1.00 8.55
C PHE D 244 -20.30 0.48 8.87
N ARG D 245 -21.20 0.47 7.88
CA ARG D 245 -22.56 -0.04 8.08
C ARG D 245 -22.55 -1.50 8.64
N LEU D 246 -21.58 -2.24 8.17
CA LEU D 246 -21.48 -3.73 8.46
C LEU D 246 -20.49 -4.00 9.57
N LYS D 247 -19.99 -2.98 10.23
CA LYS D 247 -18.90 -3.17 11.25
C LYS D 247 -19.32 -3.94 12.51
N LYS D 248 -20.57 -3.85 12.91
CA LYS D 248 -21.02 -4.63 14.05
C LYS D 248 -21.00 -6.12 13.72
N TRP D 249 -21.35 -6.48 12.48
CA TRP D 249 -21.18 -7.88 12.05
C TRP D 249 -19.70 -8.29 12.09
N ILE D 250 -18.81 -7.47 11.54
CA ILE D 250 -17.38 -7.71 11.58
C ILE D 250 -16.93 -7.94 13.04
N GLN D 251 -17.29 -7.04 13.91
CA GLN D 251 -16.83 -7.12 15.32
C GLN D 251 -17.39 -8.37 16.03
N LYS D 252 -18.66 -8.70 15.76
CA LYS D 252 -19.27 -9.89 16.35
C LYS D 252 -18.50 -11.15 15.94
N VAL D 253 -18.18 -11.26 14.65
CA VAL D 253 -17.47 -12.44 14.13
C VAL D 253 -16.13 -12.59 14.82
N ILE D 254 -15.39 -11.49 14.89
CA ILE D 254 -14.06 -11.52 15.44
C ILE D 254 -14.13 -11.79 16.97
N ASP D 255 -15.10 -11.20 17.65
CA ASP D 255 -15.37 -11.49 19.05
C ASP D 255 -15.68 -12.99 19.32
N GLN D 256 -16.59 -13.56 18.55
CA GLN D 256 -17.02 -14.91 18.77
C GLN D 256 -15.90 -15.92 18.41
N PHE D 257 -15.21 -15.67 17.30
CA PHE D 257 -14.30 -16.61 16.70
C PHE D 257 -12.86 -16.34 17.01
N GLY D 258 -12.62 -15.22 17.64
CA GLY D 258 -11.44 -14.98 18.43
C GLY D 258 -10.30 -14.33 17.68
N GLU D 259 -9.47 -13.62 18.43
CA GLU D 259 -8.01 -13.53 18.22
C GLU D 259 -7.63 -12.68 17.05
N ALA E 7 39.92 -13.17 -2.22
CA ALA E 7 39.61 -13.09 -0.77
C ALA E 7 38.10 -12.98 -0.57
N ASP E 8 37.71 -12.56 0.61
CA ASP E 8 36.31 -12.47 0.94
C ASP E 8 35.79 -11.03 0.87
N CYS E 9 36.50 -10.13 0.21
CA CYS E 9 36.17 -8.70 0.27
C CYS E 9 34.83 -8.38 -0.39
N GLY E 10 34.14 -7.37 0.11
CA GLY E 10 32.94 -6.85 -0.52
C GLY E 10 31.70 -7.74 -0.46
N LEU E 11 31.73 -8.80 0.35
CA LEU E 11 30.52 -9.61 0.57
C LEU E 11 30.14 -9.45 2.01
N ARG E 12 28.96 -8.93 2.25
CA ARG E 12 28.54 -8.57 3.58
C ARG E 12 27.92 -9.76 4.31
N PRO E 13 28.39 -10.07 5.53
CA PRO E 13 27.84 -11.15 6.32
C PRO E 13 26.33 -11.15 6.47
N LEU E 14 25.73 -9.96 6.59
CA LEU E 14 24.28 -9.86 6.83
C LEU E 14 23.47 -9.73 5.55
N PHE E 15 24.14 -9.71 4.40
CA PHE E 15 23.42 -9.61 3.12
C PHE E 15 23.84 -10.67 2.11
N GLU E 16 24.88 -10.42 1.34
CA GLU E 16 25.31 -11.39 0.34
C GLU E 16 25.52 -12.78 0.96
N LYS E 17 26.22 -12.87 2.10
CA LYS E 17 26.52 -14.19 2.70
C LYS E 17 25.27 -14.95 3.20
N LYS E 18 24.14 -14.26 3.32
CA LYS E 18 22.87 -14.86 3.69
C LYS E 18 21.82 -14.80 2.55
N SER E 19 22.26 -14.53 1.32
CA SER E 19 21.36 -14.34 0.16
C SER E 19 20.20 -13.41 0.46
N LEU E 20 20.51 -12.29 1.11
CA LEU E 20 19.51 -11.24 1.40
C LEU E 20 19.93 -9.97 0.70
N GLU E 21 18.94 -9.28 0.11
CA GLU E 21 19.15 -8.00 -0.59
C GLU E 21 18.88 -6.85 0.40
N ASP E 22 19.70 -5.79 0.38
CA ASP E 22 19.35 -4.59 1.14
C ASP E 22 18.23 -3.85 0.38
N LYS E 23 17.60 -2.92 1.04
CA LYS E 23 16.37 -2.29 0.51
C LYS E 23 16.57 -1.46 -0.75
N THR E 24 17.79 -1.01 -1.08
CA THR E 24 17.98 -0.12 -2.24
C THR E 24 19.02 -0.55 -3.25
N GLU E 25 19.65 -1.70 -3.06
CA GLU E 25 20.65 -2.15 -4.03
C GLU E 25 20.08 -2.40 -5.44
N ARG E 26 18.81 -2.80 -5.52
CA ARG E 26 18.16 -3.02 -6.85
C ARG E 26 18.20 -1.76 -7.72
N GLU E 27 18.09 -0.60 -7.09
CA GLU E 27 18.19 0.67 -7.80
C GLU E 27 19.53 0.76 -8.54
N LEU E 28 20.60 0.36 -7.88
CA LEU E 28 21.95 0.35 -8.47
C LEU E 28 22.04 -0.62 -9.64
N LEU E 29 21.59 -1.85 -9.44
CA LEU E 29 21.67 -2.87 -10.48
C LEU E 29 20.82 -2.46 -11.70
N GLU E 30 19.67 -1.83 -11.45
CA GLU E 30 18.78 -1.36 -12.52
C GLU E 30 19.46 -0.29 -13.38
N SER E 31 20.36 0.48 -12.75
CA SER E 31 21.11 1.51 -13.47
C SER E 31 22.13 0.88 -14.41
N TYR E 32 22.59 -0.34 -14.14
CA TYR E 32 23.59 -1.04 -15.00
C TYR E 32 22.91 -1.76 -16.16
N ILE F 1 25.43 13.72 4.58
CA ILE F 1 24.71 13.18 3.42
C ILE F 1 23.37 13.89 3.39
N VAL F 2 23.06 14.53 2.26
CA VAL F 2 21.83 15.29 2.03
C VAL F 2 20.85 14.39 1.27
N GLU F 3 19.62 14.30 1.77
CA GLU F 3 18.53 13.52 1.15
C GLU F 3 18.78 12.05 1.11
N GLY F 4 19.47 11.52 2.12
CA GLY F 4 19.67 10.12 2.20
C GLY F 4 18.71 9.53 3.21
N SER F 5 18.96 8.31 3.59
CA SER F 5 18.14 7.67 4.56
C SER F 5 19.01 6.88 5.49
N ASP F 6 18.42 6.44 6.58
CA ASP F 6 19.13 5.60 7.55
C ASP F 6 19.58 4.30 6.93
N ALA F 7 20.86 3.95 7.17
CA ALA F 7 21.40 2.68 6.77
C ALA F 7 20.76 1.55 7.54
N GLU F 8 20.60 0.40 6.90
CA GLU F 8 20.21 -0.83 7.64
C GLU F 8 21.45 -1.32 8.37
N ILE F 9 21.21 -2.04 9.46
CA ILE F 9 22.27 -2.68 10.23
C ILE F 9 23.10 -3.59 9.33
N GLY F 10 24.41 -3.42 9.35
CA GLY F 10 25.32 -4.24 8.54
C GLY F 10 25.35 -3.94 7.06
N MET F 11 24.66 -2.89 6.64
CA MET F 11 24.56 -2.50 5.23
C MET F 11 25.90 -1.97 4.62
N SER F 12 26.77 -1.45 5.48
CA SER F 12 28.01 -0.81 5.08
C SER F 12 29.10 -1.18 6.06
N PRO F 13 29.42 -2.48 6.13
CA PRO F 13 30.29 -2.89 7.28
C PRO F 13 31.78 -2.52 7.12
N TRP F 14 32.14 -1.97 5.97
CA TRP F 14 33.42 -1.31 5.76
C TRP F 14 33.51 0.14 6.23
N GLN F 15 32.38 0.70 6.70
CA GLN F 15 32.36 2.07 7.17
C GLN F 15 33.36 2.26 8.32
N VAL F 16 34.12 3.34 8.21
CA VAL F 16 35.01 3.79 9.28
C VAL F 16 34.75 5.26 9.60
N MET F 17 34.76 5.57 10.89
CA MET F 17 34.65 6.92 11.43
C MET F 17 36.02 7.41 11.89
N LEU F 18 36.41 8.58 11.42
CA LEU F 18 37.68 9.21 11.77
C LEU F 18 37.41 10.31 12.82
N PHE F 19 37.88 10.06 14.07
CA PHE F 19 37.73 11.00 15.17
C PHE F 19 39.03 11.76 15.61
N ARG F 20 38.87 13.02 15.99
CA ARG F 20 39.88 13.75 16.78
C ARG F 20 39.82 13.03 18.15
N LYS F 21 40.94 12.78 18.76
CA LYS F 21 40.97 12.13 20.10
C LYS F 21 40.44 13.02 21.26
N SER F 22 40.92 14.25 21.31
CA SER F 22 40.68 15.16 22.43
C SER F 22 40.49 16.61 21.99
N PRO F 23 39.28 17.17 22.12
CA PRO F 23 38.03 16.54 22.53
C PRO F 23 37.59 15.60 21.44
N GLN F 24 36.80 14.59 21.79
CA GLN F 24 36.32 13.66 20.79
C GLN F 24 35.39 14.40 19.88
N GLU F 25 35.73 14.41 18.61
CA GLU F 25 34.92 15.07 17.62
C GLU F 25 35.07 14.26 16.34
N LEU F 26 33.94 13.96 15.72
CA LEU F 26 33.94 13.25 14.46
C LEU F 26 34.46 14.22 13.41
N LEU F 27 35.48 13.83 12.69
CA LEU F 27 36.05 14.66 11.59
C LEU F 27 35.68 14.27 10.19
N CYS F 28 35.68 12.97 9.89
CA CYS F 28 35.60 12.49 8.53
C CYS F 28 35.11 11.08 8.53
N GLY F 29 34.78 10.56 7.35
CA GLY F 29 34.60 9.15 7.08
C GLY F 29 35.91 8.55 6.58
N ALA F 30 35.81 7.25 6.35
CA ALA F 30 36.87 6.41 5.87
C ALA F 30 36.31 5.01 5.55
N SER F 31 37.14 4.11 5.04
CA SER F 31 36.64 2.79 4.65
C SER F 31 37.70 1.74 5.02
N LEU F 32 37.24 0.53 5.32
CA LEU F 32 38.13 -0.56 5.69
C LEU F 32 38.45 -1.36 4.45
N ILE F 33 39.72 -1.43 4.05
CA ILE F 33 40.08 -2.28 2.93
C ILE F 33 40.84 -3.58 3.29
N SER F 34 41.22 -3.71 4.55
CA SER F 34 41.82 -4.98 5.08
C SER F 34 41.78 -4.93 6.59
N ASP F 35 42.34 -5.92 7.29
CA ASP F 35 42.21 -5.91 8.75
C ASP F 35 43.06 -4.82 9.41
N ARG F 36 44.03 -4.27 8.70
CA ARG F 36 44.76 -3.16 9.26
C ARG F 36 44.98 -1.94 8.38
N TRP F 37 44.29 -1.85 7.24
CA TRP F 37 44.41 -0.68 6.37
C TRP F 37 43.05 0.00 6.16
N VAL F 38 43.06 1.32 6.33
CA VAL F 38 41.89 2.16 6.17
C VAL F 38 42.23 3.24 5.15
N LEU F 39 41.25 3.54 4.28
CA LEU F 39 41.37 4.51 3.26
C LEU F 39 40.55 5.74 3.61
N THR F 40 41.06 6.93 3.33
CA THR F 40 40.34 8.17 3.57
C THR F 40 40.84 9.24 2.60
N ALA F 41 40.28 10.43 2.73
CA ALA F 41 40.72 11.58 1.98
C ALA F 41 41.91 12.23 2.65
N ALA F 42 42.92 12.59 1.86
CA ALA F 42 44.08 13.34 2.39
C ALA F 42 43.71 14.62 3.16
N HIS F 43 42.69 15.35 2.73
CA HIS F 43 42.44 16.64 3.31
C HIS F 43 41.85 16.52 4.67
N CYS F 44 41.40 15.33 5.04
CA CYS F 44 40.93 15.10 6.39
C CYS F 44 42.13 15.02 7.36
N LEU F 45 43.31 14.84 6.82
CA LEU F 45 44.54 14.74 7.59
C LEU F 45 45.51 15.92 7.40
N LEU F 46 45.59 16.44 6.19
CA LEU F 46 46.55 17.42 5.80
C LEU F 46 45.92 18.46 4.91
N TYR F 47 45.87 19.69 5.41
CA TYR F 47 45.33 20.82 4.64
C TYR F 47 45.98 22.10 5.15
N PRO F 48 47.14 22.40 4.62
CA PRO F 48 47.91 23.61 5.03
C PRO F 48 47.18 24.94 5.03
N PRO F 49 46.28 25.21 4.05
CA PRO F 49 45.53 26.45 4.14
C PRO F 49 44.67 26.59 5.41
N TRP F 50 44.43 25.52 6.13
CA TRP F 50 43.69 25.59 7.42
C TRP F 50 44.59 25.22 8.61
N ASP F 51 45.90 25.22 8.36
CA ASP F 51 46.93 24.82 9.39
C ASP F 51 46.65 23.42 9.92
N LYS F 52 46.12 22.58 9.05
CA LYS F 52 45.85 21.17 9.44
C LYS F 52 46.96 20.24 9.05
N ASN F 53 47.49 19.49 10.03
CA ASN F 53 48.51 18.46 9.78
C ASN F 53 48.49 17.52 10.95
N PHE F 54 47.48 16.66 10.97
CA PHE F 54 47.24 15.75 12.09
C PHE F 54 48.35 14.68 12.25
N THR F 55 48.70 14.43 13.51
CA THR F 55 49.56 13.31 13.88
C THR F 55 48.70 12.07 14.13
N GLU F 56 49.24 10.87 13.97
CA GLU F 56 48.59 9.64 14.44
C GLU F 56 47.96 9.81 15.82
N ASN F 57 48.71 10.39 16.77
CA ASN F 57 48.24 10.52 18.13
C ASN F 57 47.10 11.51 18.27
N ASP F 58 46.82 12.28 17.23
CA ASP F 58 45.68 13.19 17.33
C ASP F 58 44.38 12.49 17.09
N LEU F 59 44.44 11.23 16.64
CA LEU F 59 43.28 10.62 15.94
C LEU F 59 42.96 9.20 16.41
N LEU F 60 41.73 8.80 16.20
CA LEU F 60 41.41 7.40 16.34
C LEU F 60 40.31 7.07 15.33
N VAL F 61 40.08 5.79 15.11
CA VAL F 61 38.94 5.33 14.29
C VAL F 61 37.98 4.45 15.09
N ARG F 62 36.69 4.56 14.73
CA ARG F 62 35.68 3.60 15.18
C ARG F 62 35.15 2.83 14.01
N ILE F 63 35.03 1.51 14.21
CA ILE F 63 34.65 0.58 13.16
C ILE F 63 33.45 -0.23 13.64
N GLY F 64 32.57 -0.58 12.72
CA GLY F 64 31.36 -1.34 13.01
C GLY F 64 30.19 -0.61 13.62
N LYS F 65 30.10 0.70 13.46
CA LYS F 65 29.05 1.49 14.13
C LYS F 65 27.86 1.78 13.25
N HIS F 66 26.70 1.88 13.86
CA HIS F 66 25.45 2.16 13.15
C HIS F 66 24.86 3.50 13.63
N SER F 67 24.94 3.76 14.95
CA SER F 67 24.42 4.98 15.59
C SER F 67 25.49 5.82 16.28
N GLU F 72 27.26 0.68 21.06
CA GLU F 72 26.87 -0.68 20.63
C GLU F 72 27.83 -1.73 21.21
N ARG F 73 27.53 -2.17 22.43
CA ARG F 73 28.35 -3.14 23.14
C ARG F 73 28.69 -4.38 22.31
N ASN F 74 29.97 -4.74 22.30
CA ASN F 74 30.47 -5.90 21.54
C ASN F 74 30.20 -5.90 20.04
N ILE F 75 29.86 -4.74 19.50
CA ILE F 75 29.76 -4.59 18.07
C ILE F 75 30.87 -3.63 17.61
N GLU F 76 30.89 -2.44 18.17
CA GLU F 76 31.83 -1.38 17.74
C GLU F 76 33.24 -1.58 18.27
N LYS F 77 34.25 -1.25 17.46
CA LYS F 77 35.67 -1.41 17.81
C LYS F 77 36.39 -0.09 17.58
N ILE F 78 37.33 0.21 18.45
CA ILE F 78 38.17 1.40 18.34
C ILE F 78 39.55 0.90 17.92
N SER F 79 40.23 1.66 17.07
CA SER F 79 41.63 1.42 16.79
C SER F 79 42.39 2.72 16.76
N MET F 80 43.63 2.62 17.25
CA MET F 80 44.57 3.71 17.22
C MET F 80 45.33 3.55 15.94
N LEU F 81 45.95 4.63 15.49
CA LEU F 81 46.70 4.60 14.24
C LEU F 81 48.19 4.38 14.48
N GLU F 82 48.78 3.43 13.77
CA GLU F 82 50.23 3.31 13.70
C GLU F 82 50.89 4.33 12.80
N LYS F 83 50.28 4.60 11.63
CA LYS F 83 50.91 5.47 10.65
C LYS F 83 49.88 5.95 9.63
N ILE F 84 50.14 7.17 9.19
CA ILE F 84 49.36 7.86 8.19
C ILE F 84 50.24 7.94 6.94
N TYR F 85 49.69 7.67 5.76
CA TYR F 85 50.41 7.85 4.50
C TYR F 85 49.56 8.69 3.52
N ILE F 86 50.05 9.87 3.16
CA ILE F 86 49.33 10.80 2.28
C ILE F 86 49.91 10.64 0.89
N HIS F 87 49.10 10.67 -0.16
CA HIS F 87 49.63 10.61 -1.51
C HIS F 87 50.67 11.70 -1.68
N PRO F 88 51.87 11.36 -2.18
CA PRO F 88 52.90 12.39 -2.34
C PRO F 88 52.68 13.46 -3.40
N ARG F 89 51.72 13.27 -4.31
CA ARG F 89 51.31 14.31 -5.28
C ARG F 89 49.88 14.85 -5.02
N TYR F 90 49.38 14.68 -3.81
CA TYR F 90 48.16 15.31 -3.36
C TYR F 90 48.29 16.83 -3.56
N ASN F 91 47.36 17.44 -4.30
CA ASN F 91 47.43 18.88 -4.56
C ASN F 91 46.44 19.67 -3.72
N TRP F 92 46.86 20.01 -2.52
CA TRP F 92 46.06 20.85 -1.63
C TRP F 92 46.02 22.30 -2.05
N ARG F 93 47.01 22.71 -2.85
CA ARG F 93 47.12 24.11 -3.26
C ARG F 93 46.04 24.52 -4.21
N GLU F 94 45.57 23.60 -5.02
CA GLU F 94 44.69 23.99 -6.12
C GLU F 94 43.30 23.39 -6.07
N ASN F 95 43.20 22.07 -6.22
CA ASN F 95 41.91 21.44 -6.51
C ASN F 95 41.73 20.09 -5.81
N LEU F 96 42.55 19.83 -4.84
CA LEU F 96 42.52 18.48 -4.12
C LEU F 96 42.77 17.27 -5.03
N ASP F 97 43.53 17.46 -6.10
CA ASP F 97 43.92 16.34 -6.91
C ASP F 97 44.58 15.30 -6.05
N ARG F 98 44.19 14.04 -6.27
CA ARG F 98 44.69 12.92 -5.51
C ARG F 98 44.41 13.09 -4.03
N ASP F 99 43.15 13.29 -3.71
CA ASP F 99 42.74 13.46 -2.32
C ASP F 99 42.60 12.09 -1.63
N ILE F 100 43.71 11.48 -1.22
CA ILE F 100 43.65 10.12 -0.78
C ILE F 100 44.78 9.89 0.22
N ALA F 101 44.49 9.04 1.21
CA ALA F 101 45.40 8.70 2.25
C ALA F 101 45.09 7.34 2.75
N LEU F 102 46.12 6.64 3.22
CA LEU F 102 45.96 5.35 3.91
C LEU F 102 46.37 5.53 5.36
N MET F 103 45.72 4.77 6.23
CA MET F 103 46.04 4.77 7.64
C MET F 103 46.20 3.31 8.05
N LYS F 104 47.33 2.99 8.63
CA LYS F 104 47.56 1.68 9.13
C LYS F 104 47.17 1.64 10.65
N LEU F 105 46.34 0.66 11.02
CA LEU F 105 45.85 0.51 12.35
C LEU F 105 46.95 -0.14 13.22
N LYS F 106 47.01 0.24 14.50
CA LYS F 106 48.02 -0.32 15.45
C LYS F 106 47.81 -1.81 15.66
N LYS F 107 46.54 -2.20 15.80
CA LYS F 107 46.17 -3.60 15.97
C LYS F 107 45.22 -3.95 14.87
N PRO F 108 45.39 -5.12 14.27
CA PRO F 108 44.39 -5.54 13.29
C PRO F 108 42.99 -5.64 13.93
N VAL F 109 41.96 -5.35 13.18
CA VAL F 109 40.60 -5.43 13.70
C VAL F 109 40.08 -6.82 13.34
N ALA F 110 39.31 -7.41 14.25
CA ALA F 110 38.67 -8.70 13.97
C ALA F 110 37.41 -8.42 13.14
N PHE F 111 37.25 -9.17 12.07
CA PHE F 111 36.04 -9.07 11.24
C PHE F 111 34.82 -9.66 11.95
N SER F 112 33.62 -9.24 11.54
CA SER F 112 32.43 -9.65 12.26
C SER F 112 31.23 -9.46 11.36
N ASP F 113 30.03 -9.71 11.88
CA ASP F 113 28.83 -9.39 11.09
C ASP F 113 28.76 -7.90 10.70
N TYR F 114 29.41 -7.04 11.49
CA TYR F 114 29.31 -5.59 11.33
C TYR F 114 30.59 -4.94 10.80
N ILE F 115 31.64 -5.74 10.65
CA ILE F 115 32.97 -5.26 10.28
C ILE F 115 33.57 -6.16 9.20
N HIS F 116 33.81 -5.57 8.02
CA HIS F 116 34.19 -6.37 6.89
C HIS F 116 34.68 -5.44 5.81
N PRO F 117 35.78 -5.81 5.11
CA PRO F 117 36.38 -4.97 4.12
C PRO F 117 35.62 -4.93 2.81
N VAL F 118 35.70 -3.78 2.16
CA VAL F 118 35.20 -3.55 0.81
C VAL F 118 36.31 -3.95 -0.17
N CYS F 119 35.96 -4.25 -1.41
CA CYS F 119 36.99 -4.57 -2.43
C CYS F 119 37.50 -3.29 -3.11
N LEU F 120 38.74 -3.31 -3.55
CA LEU F 120 39.19 -2.34 -4.54
C LEU F 120 39.03 -2.87 -5.94
N PRO F 121 38.73 -2.01 -6.88
CA PRO F 121 38.40 -2.49 -8.23
C PRO F 121 39.60 -2.93 -9.05
N ASP F 122 39.45 -4.07 -9.70
CA ASP F 122 40.33 -4.48 -10.80
C ASP F 122 39.94 -3.66 -12.06
N ARG F 123 40.74 -3.74 -13.11
CA ARG F 123 40.54 -2.96 -14.34
C ARG F 123 39.15 -3.16 -14.99
N GLU F 124 38.74 -4.42 -15.09
CA GLU F 124 37.48 -4.80 -15.79
C GLU F 124 36.30 -4.24 -15.05
N THR F 125 36.33 -4.45 -13.74
CA THR F 125 35.29 -3.89 -12.91
C THR F 125 35.24 -2.37 -12.99
N ALA F 126 36.39 -1.71 -12.98
CA ALA F 126 36.41 -0.25 -13.15
C ALA F 126 35.80 0.17 -14.48
N ALA F 127 36.24 -0.47 -15.57
CA ALA F 127 35.79 -0.14 -16.92
C ALA F 127 34.32 -0.43 -17.12
N SER F 128 33.84 -1.54 -16.53
CA SER F 128 32.42 -1.92 -16.58
C SER F 128 31.47 -1.04 -15.80
N LEU F 129 31.88 -0.57 -14.63
CA LEU F 129 30.94 0.10 -13.74
C LEU F 129 31.06 1.62 -13.69
N LEU F 130 32.22 2.14 -14.01
CA LEU F 130 32.40 3.57 -13.82
C LEU F 130 32.00 4.25 -15.09
N GLN F 131 30.69 4.34 -15.30
CA GLN F 131 30.10 4.97 -16.50
C GLN F 131 28.91 5.88 -16.16
N ALA F 132 28.77 6.94 -16.93
CA ALA F 132 27.71 7.93 -16.73
C ALA F 132 26.34 7.26 -16.67
N GLY F 133 25.52 7.70 -15.71
CA GLY F 133 24.20 7.15 -15.50
C GLY F 133 24.18 5.95 -14.55
N TYR F 134 25.30 5.26 -14.38
CA TYR F 134 25.34 4.15 -13.46
C TYR F 134 25.39 4.74 -12.06
N LYS F 135 24.74 4.09 -11.11
CA LYS F 135 24.62 4.63 -9.77
C LYS F 135 25.58 3.95 -8.81
N GLY F 136 26.15 4.73 -7.91
CA GLY F 136 26.82 4.15 -6.74
C GLY F 136 26.21 4.66 -5.48
N ARG F 137 26.80 4.23 -4.35
CA ARG F 137 26.25 4.54 -3.09
C ARG F 137 27.31 5.30 -2.24
N VAL F 138 26.87 6.35 -1.57
CA VAL F 138 27.72 7.15 -0.68
CA VAL F 138 27.73 7.16 -0.71
C VAL F 138 27.15 7.09 0.73
N THR F 139 28.05 6.93 1.72
CA THR F 139 27.63 6.83 3.08
C THR F 139 28.41 7.82 3.97
N GLY F 140 27.76 8.33 4.99
CA GLY F 140 28.44 9.16 5.94
C GLY F 140 27.58 9.72 7.06
N TRP F 141 28.27 10.25 8.05
CA TRP F 141 27.70 10.88 9.21
C TRP F 141 27.82 12.39 9.15
N GLY F 142 28.09 12.94 7.98
CA GLY F 142 28.33 14.34 7.80
C GLY F 142 27.02 15.10 7.73
N ASN F 143 27.11 16.39 7.38
CA ASN F 143 25.95 17.27 7.45
C ASN F 143 24.76 16.87 6.56
N LEU F 144 23.57 17.08 7.09
CA LEU F 144 22.33 16.68 6.45
C LEU F 144 21.86 17.72 5.52
N LYS F 145 22.41 18.92 5.66
CA LYS F 145 22.03 20.08 4.80
C LYS F 145 23.23 20.98 4.68
N GLU F 146 23.34 21.74 3.58
CA GLU F 146 24.38 22.74 3.47
C GLU F 146 24.35 23.74 4.63
N THR F 147 23.19 24.33 4.84
CA THR F 147 22.94 25.30 5.92
C THR F 147 21.76 24.80 6.80
N TRP F 148 21.69 25.32 8.02
CA TRP F 148 20.66 24.84 8.98
C TRP F 148 19.31 25.07 8.36
N THR F 149 18.44 24.08 8.43
CA THR F 149 17.14 24.12 7.80
C THR F 149 16.10 23.77 8.85
N ALA F 150 15.02 24.56 8.90
CA ALA F 150 14.00 24.30 9.89
C ALA F 150 13.52 22.85 9.78
N ASN F 151 13.31 22.22 10.94
CA ASN F 151 12.65 20.92 11.12
C ASN F 151 13.54 19.75 10.73
N VAL F 152 14.79 20.04 10.33
CA VAL F 152 15.72 19.03 9.87
C VAL F 152 17.05 19.28 10.59
N GLY F 153 17.41 20.53 10.73
CA GLY F 153 18.70 20.93 11.30
C GLY F 153 19.82 21.01 10.27
N LYS F 154 20.97 20.44 10.60
CA LYS F 154 22.17 20.53 9.75
C LYS F 154 23.14 19.45 10.17
N GLY F 155 23.50 19.51 11.42
CA GLY F 155 24.70 18.81 11.91
C GLY F 155 24.53 17.31 11.87
N GLN F 156 25.29 16.60 12.69
CA GLN F 156 25.43 15.16 12.44
C GLN F 156 24.23 14.28 12.92
N PRO F 157 23.69 13.45 11.98
CA PRO F 157 22.57 12.51 12.23
C PRO F 157 22.89 11.50 13.33
N SER F 158 21.86 10.81 13.81
CA SER F 158 21.94 9.78 14.84
C SER F 158 22.38 8.46 14.21
N VAL F 159 21.87 8.18 13.00
CA VAL F 159 22.23 6.92 12.31
C VAL F 159 22.97 7.18 10.99
N LEU F 160 23.93 6.34 10.66
CA LEU F 160 24.59 6.43 9.35
C LEU F 160 23.59 6.71 8.23
N GLN F 161 23.91 7.68 7.39
CA GLN F 161 23.16 7.98 6.22
C GLN F 161 23.74 7.38 4.94
N VAL F 162 22.83 7.07 4.01
CA VAL F 162 23.15 6.45 2.75
CA VAL F 162 23.14 6.45 2.75
C VAL F 162 22.36 7.14 1.64
N VAL F 163 22.99 7.32 0.49
CA VAL F 163 22.29 7.84 -0.68
C VAL F 163 22.90 7.26 -1.94
N ASN F 164 22.04 6.94 -2.91
CA ASN F 164 22.47 6.41 -4.19
C ASN F 164 22.43 7.50 -5.22
N LEU F 165 23.51 7.61 -5.99
CA LEU F 165 23.62 8.71 -6.93
C LEU F 165 24.22 8.26 -8.23
N PRO F 166 23.72 8.78 -9.34
CA PRO F 166 24.33 8.48 -10.62
C PRO F 166 25.65 9.22 -10.95
N ILE F 167 26.58 8.51 -11.55
CA ILE F 167 27.79 9.06 -12.09
C ILE F 167 27.44 9.94 -13.24
N VAL F 168 28.16 11.07 -13.32
CA VAL F 168 27.85 12.10 -14.30
C VAL F 168 28.91 12.18 -15.36
N GLU F 169 28.52 12.54 -16.57
CA GLU F 169 29.45 12.68 -17.66
C GLU F 169 30.50 13.74 -17.38
N ARG F 170 31.75 13.43 -17.70
CA ARG F 170 32.84 14.34 -17.44
C ARG F 170 32.68 15.80 -17.99
N PRO F 171 32.15 16.00 -19.24
CA PRO F 171 31.94 17.38 -19.69
C PRO F 171 30.94 18.16 -18.82
N VAL F 172 29.91 17.47 -18.34
CA VAL F 172 28.98 18.08 -17.36
C VAL F 172 29.70 18.42 -16.02
N CYS F 173 30.45 17.45 -15.45
CA CYS F 173 31.21 17.74 -14.22
C CYS F 173 32.08 18.99 -14.43
N LYS F 174 32.76 19.03 -15.56
CA LYS F 174 33.73 20.11 -15.88
C LYS F 174 33.05 21.47 -16.00
N ASP F 175 31.91 21.51 -16.69
CA ASP F 175 31.18 22.77 -16.90
C ASP F 175 30.42 23.23 -15.66
N SER F 176 30.26 22.35 -14.67
CA SER F 176 29.54 22.70 -13.46
C SER F 176 30.33 23.57 -12.50
N THR F 177 31.64 23.70 -12.70
CA THR F 177 32.48 24.31 -11.70
C THR F 177 33.67 24.96 -12.33
N ARG F 178 34.16 25.99 -11.68
CA ARG F 178 35.35 26.69 -12.13
C ARG F 178 36.63 26.10 -11.54
N ILE F 179 36.50 25.17 -10.59
CA ILE F 179 37.69 24.49 -10.06
C ILE F 179 38.17 23.53 -11.15
N ARG F 180 39.47 23.51 -11.39
CA ARG F 180 40.06 22.66 -12.41
C ARG F 180 39.94 21.20 -12.01
N ILE F 181 39.15 20.42 -12.75
CA ILE F 181 38.98 19.03 -12.43
C ILE F 181 40.07 18.21 -13.11
N THR F 182 40.32 17.01 -12.60
CA THR F 182 41.31 16.10 -13.22
C THR F 182 40.74 14.73 -13.44
N ASP F 183 41.50 13.92 -14.14
CA ASP F 183 41.11 12.56 -14.43
C ASP F 183 41.16 11.73 -13.14
N ASN F 184 41.78 12.25 -12.07
CA ASN F 184 41.78 11.56 -10.76
C ASN F 184 40.54 11.86 -9.92
N MET F 185 39.54 12.48 -10.52
CA MET F 185 38.26 12.76 -9.89
C MET F 185 37.13 12.37 -10.80
N PHE F 186 35.97 12.06 -10.20
CA PHE F 186 34.73 11.93 -10.92
C PHE F 186 33.65 12.62 -10.14
N CYS F 187 32.56 12.92 -10.81
CA CYS F 187 31.44 13.57 -10.16
C CYS F 187 30.18 12.75 -10.26
N ALA F 188 29.29 12.93 -9.28
CA ALA F 188 28.05 12.20 -9.16
C ALA F 188 26.95 13.00 -8.53
N GLY F 189 25.73 12.73 -8.96
CA GLY F 189 24.58 13.47 -8.52
C GLY F 189 23.54 13.59 -9.64
N TYR F 190 22.34 13.94 -9.22
CA TYR F 190 21.22 14.12 -10.16
C TYR F 190 21.32 15.49 -10.81
N LYS F 191 20.82 15.58 -12.03
CA LYS F 191 20.76 16.86 -12.73
C LYS F 191 19.47 17.57 -12.33
N PRO F 192 19.45 18.92 -12.48
CA PRO F 192 18.26 19.68 -12.09
C PRO F 192 16.96 19.13 -12.72
N ASP F 193 17.06 18.77 -14.00
CA ASP F 193 15.93 18.28 -14.76
C ASP F 193 15.43 16.87 -14.32
N GLU F 194 16.24 16.11 -13.56
CA GLU F 194 15.94 14.69 -13.21
C GLU F 194 15.05 14.51 -11.99
N GLY F 195 14.72 15.59 -11.30
CA GLY F 195 13.77 15.53 -10.20
C GLY F 195 14.37 15.13 -8.85
N LYS F 196 15.06 13.99 -8.82
CA LYS F 196 15.61 13.45 -7.58
C LYS F 196 16.77 14.30 -7.13
N ARG F 197 17.11 14.20 -5.85
CA ARG F 197 18.28 14.91 -5.34
C ARG F 197 19.12 14.07 -4.40
N GLY F 198 20.11 14.73 -3.81
CA GLY F 198 21.03 14.05 -2.92
C GLY F 198 22.49 14.40 -3.21
N ASP F 199 23.32 14.29 -2.18
CA ASP F 199 24.73 14.69 -2.27
C ASP F 199 25.42 14.27 -0.99
N ALA F 200 26.75 14.14 -1.02
CA ALA F 200 27.54 14.16 0.18
C ALA F 200 27.67 15.62 0.64
N CYS F 201 28.23 15.86 1.81
CA CYS F 201 28.37 17.21 2.31
C CYS F 201 29.60 17.32 3.17
N GLU F 202 29.83 18.47 3.77
CA GLU F 202 30.87 18.60 4.82
C GLU F 202 30.74 17.56 5.95
N GLY F 203 31.87 16.94 6.27
CA GLY F 203 31.92 15.80 7.25
C GLY F 203 31.87 14.43 6.60
N ASP F 204 31.46 14.35 5.34
CA ASP F 204 31.41 13.05 4.65
C ASP F 204 32.68 12.68 3.95
N SER F 205 33.62 13.63 3.85
CA SER F 205 34.88 13.35 3.15
C SER F 205 35.52 12.12 3.69
N GLY F 206 36.22 11.44 2.81
CA GLY F 206 36.85 10.13 3.19
C GLY F 206 35.95 8.94 3.12
N GLY F 207 34.62 9.13 3.23
CA GLY F 207 33.71 8.04 3.08
C GLY F 207 33.69 7.44 1.66
N PRO F 208 33.18 6.22 1.53
CA PRO F 208 33.27 5.52 0.28
C PRO F 208 32.10 5.82 -0.67
N PHE F 209 32.39 5.86 -1.96
CA PHE F 209 31.42 5.72 -3.00
C PHE F 209 31.61 4.29 -3.51
N VAL F 210 30.59 3.48 -3.31
CA VAL F 210 30.68 2.05 -3.64
C VAL F 210 29.67 1.66 -4.71
N MET F 211 30.01 0.58 -5.40
CA MET F 211 29.14 0.06 -6.50
C MET F 211 29.12 -1.47 -6.39
N LYS F 212 27.95 -2.09 -6.64
CA LYS F 212 27.80 -3.56 -6.47
C LYS F 212 27.94 -4.20 -7.85
N SER F 213 28.91 -5.09 -7.97
CA SER F 213 29.16 -5.75 -9.22
C SER F 213 28.00 -6.67 -9.58
N PRO F 214 27.34 -6.42 -10.71
CA PRO F 214 26.36 -7.40 -11.18
C PRO F 214 26.96 -8.76 -11.59
N PHE F 215 28.28 -8.84 -11.78
CA PHE F 215 28.93 -10.02 -12.28
C PHE F 215 29.24 -10.96 -11.15
N ASN F 216 29.83 -10.43 -10.07
CA ASN F 216 30.23 -11.30 -8.92
C ASN F 216 29.56 -10.94 -7.61
N ASN F 217 28.65 -9.97 -7.62
CA ASN F 217 27.90 -9.55 -6.43
C ASN F 217 28.73 -8.97 -5.28
N ARG F 218 29.96 -8.58 -5.57
CA ARG F 218 30.81 -7.95 -4.59
C ARG F 218 30.68 -6.42 -4.68
N TRP F 219 30.87 -5.77 -3.54
CA TRP F 219 30.85 -4.33 -3.44
C TRP F 219 32.27 -3.82 -3.64
N TYR F 220 32.39 -2.83 -4.52
CA TYR F 220 33.69 -2.25 -4.84
C TYR F 220 33.74 -0.75 -4.54
N GLN F 221 34.86 -0.30 -3.97
CA GLN F 221 34.99 1.11 -3.68
C GLN F 221 35.63 1.79 -4.88
N MET F 222 34.81 2.57 -5.56
CA MET F 222 35.20 3.31 -6.75
C MET F 222 35.63 4.75 -6.46
N GLY F 223 35.06 5.36 -5.42
CA GLY F 223 35.43 6.71 -5.07
C GLY F 223 35.57 6.99 -3.56
N ILE F 224 36.16 8.14 -3.26
CA ILE F 224 36.26 8.65 -1.91
C ILE F 224 35.60 10.06 -1.96
N VAL F 225 34.70 10.31 -1.03
CA VAL F 225 34.09 11.72 -0.98
C VAL F 225 35.23 12.73 -0.84
N SER F 226 35.31 13.73 -1.69
CA SER F 226 36.44 14.65 -1.70
C SER F 226 36.04 16.11 -1.56
N TRP F 227 35.19 16.66 -2.45
CA TRP F 227 34.91 18.08 -2.37
C TRP F 227 33.61 18.39 -3.06
N GLY F 228 33.14 19.59 -2.81
CA GLY F 228 32.03 20.14 -3.51
C GLY F 228 31.94 21.64 -3.29
N GLU F 229 30.83 22.24 -3.73
CA GLU F 229 30.58 23.67 -3.61
C GLU F 229 29.13 23.80 -3.14
N GLY F 230 28.97 24.10 -1.86
CA GLY F 230 27.71 23.87 -1.18
C GLY F 230 27.39 22.38 -1.11
N CYS F 231 26.14 22.04 -0.80
CA CYS F 231 25.67 20.66 -0.86
C CYS F 231 24.30 20.61 -1.46
N ASP F 232 24.12 19.67 -2.37
CA ASP F 232 22.82 19.43 -3.04
C ASP F 232 22.26 20.66 -3.76
N ARG F 233 23.12 21.55 -4.26
CA ARG F 233 22.68 22.70 -5.10
C ARG F 233 22.33 22.24 -6.51
N ASP F 234 21.27 22.82 -7.07
CA ASP F 234 20.93 22.58 -8.48
C ASP F 234 22.09 22.98 -9.38
N GLY F 235 22.43 22.09 -10.31
CA GLY F 235 23.50 22.29 -11.27
C GLY F 235 24.93 22.06 -10.75
N LYS F 236 25.05 21.64 -9.48
CA LYS F 236 26.33 21.32 -8.89
C LYS F 236 26.35 19.82 -8.57
N TYR F 237 27.57 19.25 -8.41
CA TYR F 237 27.78 17.80 -8.28
C TYR F 237 28.87 17.51 -7.27
N GLY F 238 28.73 16.46 -6.50
CA GLY F 238 29.83 16.08 -5.58
C GLY F 238 30.98 15.50 -6.34
N PHE F 239 32.19 15.70 -5.84
CA PHE F 239 33.37 15.19 -6.49
C PHE F 239 34.00 14.16 -5.56
N TYR F 240 34.56 13.14 -6.21
CA TYR F 240 35.05 11.90 -5.56
C TYR F 240 36.44 11.62 -6.13
N THR F 241 37.36 11.23 -5.27
CA THR F 241 38.62 10.75 -5.75
C THR F 241 38.46 9.39 -6.44
N HIS F 242 39.11 9.25 -7.60
CA HIS F 242 39.00 8.11 -8.50
C HIS F 242 39.94 7.02 -7.96
N VAL F 243 39.40 6.06 -7.21
CA VAL F 243 40.24 5.07 -6.50
C VAL F 243 41.06 4.22 -7.47
N PHE F 244 40.43 3.69 -8.49
CA PHE F 244 41.14 2.85 -9.44
C PHE F 244 42.36 3.55 -10.04
N ARG F 245 42.23 4.81 -10.42
CA ARG F 245 43.34 5.59 -10.98
C ARG F 245 44.54 5.67 -10.08
N LEU F 246 44.29 5.66 -8.77
CA LEU F 246 45.34 5.76 -7.75
C LEU F 246 45.72 4.43 -7.11
N LYS F 247 45.21 3.31 -7.65
CA LYS F 247 45.38 2.02 -7.00
C LYS F 247 46.83 1.52 -6.93
N LYS F 248 47.66 1.92 -7.90
CA LYS F 248 49.07 1.50 -7.88
C LYS F 248 49.79 2.13 -6.70
N TRP F 249 49.41 3.37 -6.35
CA TRP F 249 49.94 3.98 -5.14
C TRP F 249 49.49 3.21 -3.89
N ILE F 250 48.20 2.89 -3.84
CA ILE F 250 47.64 2.16 -2.70
C ILE F 250 48.39 0.85 -2.53
N GLN F 251 48.55 0.13 -3.64
CA GLN F 251 49.24 -1.16 -3.58
C GLN F 251 50.73 -1.05 -3.16
N LYS F 252 51.43 -0.04 -3.65
CA LYS F 252 52.81 0.19 -3.29
C LYS F 252 52.94 0.40 -1.79
N VAL F 253 52.07 1.26 -1.25
CA VAL F 253 52.15 1.60 0.17
C VAL F 253 51.95 0.35 1.00
N ILE F 254 50.92 -0.42 0.67
CA ILE F 254 50.61 -1.63 1.44
C ILE F 254 51.70 -2.69 1.24
N ASP F 255 52.21 -2.81 0.02
CA ASP F 255 53.40 -3.65 -0.29
C ASP F 255 54.67 -3.30 0.53
N GLN F 256 55.04 -2.01 0.54
CA GLN F 256 56.24 -1.55 1.27
C GLN F 256 56.03 -1.62 2.79
N PHE F 257 54.83 -1.27 3.28
CA PHE F 257 54.58 -1.08 4.71
C PHE F 257 53.75 -2.14 5.40
N ASP G 8 11.21 15.33 14.63
CA ASP G 8 10.13 15.10 15.64
C ASP G 8 9.29 16.32 16.14
N CYS G 9 9.46 17.46 15.47
CA CYS G 9 8.76 18.68 15.86
C CYS G 9 7.25 18.56 15.73
N GLY G 10 6.52 19.31 16.57
CA GLY G 10 5.09 19.55 16.41
C GLY G 10 4.24 18.32 16.70
N LEU G 11 4.81 17.30 17.32
CA LEU G 11 4.04 16.15 17.79
C LEU G 11 4.17 16.08 19.29
N ARG G 12 3.08 16.27 19.99
CA ARG G 12 3.10 16.40 21.45
C ARG G 12 3.06 15.03 22.12
N PRO G 13 3.95 14.78 23.10
CA PRO G 13 3.99 13.50 23.80
C PRO G 13 2.69 13.09 24.44
N LEU G 14 1.92 14.06 24.93
CA LEU G 14 0.68 13.73 25.64
C LEU G 14 -0.55 13.75 24.75
N PHE G 15 -0.37 14.03 23.47
CA PHE G 15 -1.50 14.02 22.57
C PHE G 15 -1.23 13.19 21.32
N GLU G 16 -0.62 13.77 20.29
CA GLU G 16 -0.38 13.02 19.06
C GLU G 16 0.33 11.69 19.36
N LYS G 17 1.38 11.69 20.18
CA LYS G 17 2.15 10.45 20.42
C LYS G 17 1.36 9.34 21.20
N LYS G 18 0.23 9.70 21.79
CA LYS G 18 -0.66 8.78 22.48
C LYS G 18 -2.03 8.65 21.82
N SER G 19 -2.13 9.07 20.57
CA SER G 19 -3.38 9.04 19.82
C SER G 19 -4.53 9.69 20.60
N LEU G 20 -4.28 10.84 21.23
CA LEU G 20 -5.29 11.58 21.98
C LEU G 20 -5.44 12.97 21.39
N GLU G 21 -6.68 13.43 21.30
CA GLU G 21 -7.03 14.75 20.83
C GLU G 21 -7.12 15.71 22.01
N ASP G 22 -6.65 16.95 21.85
CA ASP G 22 -6.99 17.96 22.87
C ASP G 22 -8.44 18.43 22.66
N LYS G 23 -8.96 19.16 23.63
CA LYS G 23 -10.38 19.49 23.67
C LYS G 23 -10.87 20.40 22.54
N THR G 24 -9.99 21.16 21.88
CA THR G 24 -10.46 22.14 20.89
C THR G 24 -9.79 22.04 19.54
N GLU G 25 -8.83 21.13 19.35
CA GLU G 25 -8.19 21.02 18.05
C GLU G 25 -9.18 20.70 16.89
N ARG G 26 -10.29 20.02 17.19
CA ARG G 26 -11.33 19.75 16.17
C ARG G 26 -11.87 21.05 15.51
N GLU G 27 -11.93 22.12 16.30
CA GLU G 27 -12.37 23.41 15.81
C GLU G 27 -11.47 23.88 14.70
N LEU G 28 -10.17 23.71 14.88
CA LEU G 28 -9.20 24.08 13.87
C LEU G 28 -9.34 23.24 12.61
N LEU G 29 -9.36 21.92 12.77
CA LEU G 29 -9.53 21.02 11.62
C LEU G 29 -10.81 21.30 10.87
N GLU G 30 -11.91 21.57 11.59
CA GLU G 30 -13.21 21.88 10.96
CA GLU G 30 -13.15 21.79 10.88
C GLU G 30 -13.12 23.14 10.14
N SER G 31 -12.24 24.06 10.55
CA SER G 31 -12.09 25.34 9.81
C SER G 31 -11.53 25.10 8.40
N TYR G 32 -10.77 24.03 8.23
CA TYR G 32 -10.25 23.69 6.89
C TYR G 32 -11.26 23.10 5.92
N ILE G 33 -12.17 22.29 6.46
CA ILE G 33 -13.10 21.54 5.62
C ILE G 33 -14.37 22.36 5.34
N ASP G 34 -14.78 23.20 6.29
CA ASP G 34 -15.86 24.16 6.13
C ASP G 34 -15.34 25.44 5.45
N ILE H 1 -4.40 36.74 27.16
CA ILE H 1 -5.38 36.14 26.24
C ILE H 1 -6.77 36.47 26.76
N VAL H 2 -7.59 37.05 25.89
CA VAL H 2 -8.94 37.48 26.21
C VAL H 2 -9.93 36.47 25.64
N GLU H 3 -10.87 36.03 26.47
CA GLU H 3 -11.92 35.06 26.10
C GLU H 3 -11.31 33.70 25.73
N GLY H 4 -10.23 33.29 26.39
CA GLY H 4 -9.68 31.96 26.18
C GLY H 4 -10.09 31.03 27.28
N SER H 5 -9.45 29.89 27.35
CA SER H 5 -9.67 28.96 28.43
C SER H 5 -8.34 28.39 28.89
N ASP H 6 -8.39 27.68 30.01
CA ASP H 6 -7.22 27.01 30.54
C ASP H 6 -6.72 25.95 29.58
N ALA H 7 -5.41 25.95 29.35
CA ALA H 7 -4.76 24.92 28.57
C ALA H 7 -4.77 23.60 29.32
N GLU H 8 -4.86 22.47 28.60
CA GLU H 8 -4.68 21.17 29.21
C GLU H 8 -3.19 20.96 29.38
N ILE H 9 -2.84 20.13 30.35
CA ILE H 9 -1.47 19.76 30.62
C ILE H 9 -0.86 19.21 29.33
N GLY H 10 0.32 19.73 28.95
CA GLY H 10 1.07 19.21 27.79
C GLY H 10 0.50 19.62 26.44
N MET H 11 -0.52 20.48 26.47
CA MET H 11 -1.20 20.91 25.25
C MET H 11 -0.30 21.82 24.34
N SER H 12 0.65 22.52 24.96
CA SER H 12 1.50 23.51 24.26
C SER H 12 2.92 23.35 24.81
N PRO H 13 3.54 22.18 24.57
CA PRO H 13 4.85 21.92 25.24
C PRO H 13 6.02 22.71 24.66
N TRP H 14 5.77 23.45 23.59
CA TRP H 14 6.75 24.44 23.06
C TRP H 14 6.62 25.84 23.73
N GLN H 15 5.69 25.99 24.67
CA GLN H 15 5.49 27.27 25.38
C GLN H 15 6.75 27.62 26.19
N VAL H 16 7.18 28.87 26.03
CA VAL H 16 8.26 29.43 26.80
C VAL H 16 7.84 30.75 27.47
N MET H 17 8.28 30.93 28.70
CA MET H 17 8.06 32.16 29.47
C MET H 17 9.33 32.95 29.57
N LEU H 18 9.22 34.24 29.22
CA LEU H 18 10.36 35.17 29.26
C LEU H 18 10.21 36.02 30.53
N PHE H 19 11.17 35.87 31.47
CA PHE H 19 11.22 36.62 32.71
C PHE H 19 12.35 37.63 32.84
N ARG H 20 12.03 38.75 33.50
CA ARG H 20 13.06 39.62 34.06
C ARG H 20 13.67 38.82 35.21
N LYS H 21 14.98 38.87 35.37
CA LYS H 21 15.62 38.17 36.50
C LYS H 21 15.34 38.77 37.88
N SER H 22 15.50 40.10 37.99
CA SER H 22 15.47 40.81 39.27
C SER H 22 14.77 42.17 39.18
N PRO H 23 13.59 42.31 39.79
CA PRO H 23 12.81 41.30 40.46
C PRO H 23 12.29 40.35 39.40
N GLN H 24 11.95 39.13 39.82
CA GLN H 24 11.36 38.17 38.91
C GLN H 24 9.99 38.68 38.49
N GLU H 25 9.81 38.89 37.19
CA GLU H 25 8.56 39.41 36.65
C GLU H 25 8.40 38.79 35.24
N LEU H 26 7.24 38.25 34.97
CA LEU H 26 6.95 37.72 33.67
C LEU H 26 6.79 38.88 32.67
N LEU H 27 7.58 38.87 31.62
CA LEU H 27 7.49 39.91 30.57
C LEU H 27 6.74 39.52 29.32
N CYS H 28 6.95 38.31 28.82
CA CYS H 28 6.49 37.98 27.46
C CYS H 28 6.42 36.49 27.34
N GLY H 29 5.77 36.03 26.26
CA GLY H 29 5.83 34.65 25.85
C GLY H 29 6.92 34.50 24.79
N ALA H 30 7.06 33.25 24.40
CA ALA H 30 8.07 32.78 23.52
C ALA H 30 7.76 31.30 23.12
N SER H 31 8.58 30.68 22.25
CA SER H 31 8.32 29.33 21.79
C SER H 31 9.62 28.60 21.58
N LEU H 32 9.59 27.30 21.81
CA LEU H 32 10.78 26.46 21.68
C LEU H 32 10.86 25.86 20.29
N ILE H 33 11.85 26.22 19.50
CA ILE H 33 11.99 25.62 18.20
C ILE H 33 13.14 24.56 18.08
N SER H 34 13.98 24.46 19.07
CA SER H 34 14.98 23.35 19.18
C SER H 34 15.47 23.27 20.62
N ASP H 35 16.41 22.36 20.98
CA ASP H 35 16.84 22.23 22.35
C ASP H 35 17.60 23.42 22.86
N ARG H 36 18.10 24.28 21.98
CA ARG H 36 18.69 25.52 22.48
C ARG H 36 18.29 26.81 21.84
N TRP H 37 17.23 26.81 21.04
CA TRP H 37 16.77 28.03 20.40
C TRP H 37 15.30 28.36 20.72
N VAL H 38 15.06 29.59 21.13
CA VAL H 38 13.70 30.13 21.44
C VAL H 38 13.41 31.34 20.57
N LEU H 39 12.16 31.40 20.12
CA LEU H 39 11.65 32.45 19.27
C LEU H 39 10.78 33.34 20.14
N THR H 40 10.92 34.64 19.98
CA THR H 40 9.99 35.61 20.61
C THR H 40 9.81 36.88 19.71
N ALA H 41 9.05 37.85 20.22
CA ALA H 41 8.92 39.16 19.58
C ALA H 41 10.12 40.02 19.97
N ALA H 42 10.67 40.72 18.96
CA ALA H 42 11.72 41.70 19.21
C ALA H 42 11.36 42.74 20.28
N HIS H 43 10.12 43.18 20.33
CA HIS H 43 9.77 44.32 21.14
C HIS H 43 9.72 43.94 22.59
N CYS H 44 9.76 42.64 22.88
CA CYS H 44 9.91 42.18 24.24
C CYS H 44 11.30 42.43 24.77
N LEU H 45 12.25 42.60 23.85
CA LEU H 45 13.67 42.73 24.17
C LEU H 45 14.21 44.14 23.86
N LEU H 46 13.72 44.77 22.78
CA LEU H 46 14.22 46.01 22.32
C LEU H 46 13.09 46.93 21.86
N TYR H 47 12.95 48.08 22.54
CA TYR H 47 11.89 49.04 22.23
C TYR H 47 12.30 50.46 22.71
N PRO H 48 13.19 51.08 21.96
CA PRO H 48 13.71 52.40 22.27
C PRO H 48 12.75 53.44 22.75
N PRO H 49 11.50 53.52 22.21
CA PRO H 49 10.58 54.50 22.78
C PRO H 49 10.27 54.30 24.29
N TRP H 50 10.60 53.12 24.86
CA TRP H 50 10.34 52.85 26.28
C TRP H 50 11.65 52.66 27.03
N ASP H 51 12.75 53.03 26.37
CA ASP H 51 14.11 52.86 26.91
C ASP H 51 14.39 51.41 27.22
N LYS H 52 13.86 50.53 26.39
CA LYS H 52 14.02 49.08 26.61
C LYS H 52 15.11 48.51 25.72
N ASN H 53 16.11 47.88 26.31
CA ASN H 53 17.16 47.24 25.56
C ASN H 53 17.77 46.21 26.47
N PHE H 54 17.05 45.11 26.65
CA PHE H 54 17.48 44.08 27.65
C PHE H 54 18.77 43.37 27.25
N THR H 55 19.63 43.12 28.25
CA THR H 55 20.80 42.27 28.07
C THR H 55 20.43 40.82 28.40
N GLU H 56 21.14 39.85 27.85
CA GLU H 56 21.04 38.43 28.29
C GLU H 56 20.91 38.30 29.80
N ASN H 57 21.77 39.02 30.54
CA ASN H 57 21.83 38.85 31.97
C ASN H 57 20.64 39.45 32.68
N ASP H 58 19.85 40.27 31.96
CA ASP H 58 18.64 40.78 32.56
C ASP H 58 17.53 39.76 32.62
N LEU H 59 17.71 38.62 31.96
CA LEU H 59 16.60 37.73 31.65
C LEU H 59 16.85 36.25 32.00
N LEU H 60 15.76 35.52 32.14
CA LEU H 60 15.83 34.10 32.04
C LEU H 60 14.52 33.55 31.42
N VAL H 61 14.52 32.25 31.07
CA VAL H 61 13.29 31.62 30.54
C VAL H 61 12.94 30.41 31.40
N ARG H 62 11.64 30.16 31.46
CA ARG H 62 11.12 28.95 32.06
C ARG H 62 10.36 28.18 31.00
N ILE H 63 10.61 26.88 31.00
CA ILE H 63 10.09 26.00 29.96
C ILE H 63 9.37 24.83 30.66
N GLY H 64 8.30 24.35 30.02
CA GLY H 64 7.51 23.24 30.53
C GLY H 64 6.53 23.56 31.63
N LYS H 65 6.11 24.81 31.76
CA LYS H 65 5.20 25.21 32.86
C LYS H 65 3.73 25.23 32.43
N HIS H 66 2.84 24.99 33.38
CA HIS H 66 1.39 25.01 33.15
C HIS H 66 0.74 26.11 34.02
N SER H 67 1.25 26.26 35.26
CA SER H 67 0.77 27.28 36.22
C SER H 67 1.87 28.24 36.64
N ARG H 68 1.63 29.53 36.48
CA ARG H 68 2.62 30.56 36.78
C ARG H 68 2.78 30.73 38.27
N THR H 69 1.69 30.43 38.98
CA THR H 69 1.60 30.55 40.43
C THR H 69 2.21 29.37 41.23
N ARG H 70 2.43 28.21 40.61
CA ARG H 70 2.90 27.02 41.36
C ARG H 70 4.23 26.53 40.82
N TYR H 71 5.18 26.20 41.69
CA TYR H 71 6.41 25.51 41.27
C TYR H 71 6.10 24.04 40.95
N GLU H 72 6.51 23.59 39.76
CA GLU H 72 6.16 22.29 39.21
C GLU H 72 7.42 21.43 39.25
N ARG H 73 7.65 20.87 40.44
CA ARG H 73 8.84 20.08 40.72
C ARG H 73 9.10 18.99 39.66
N ASN H 74 10.36 18.93 39.21
CA ASN H 74 10.80 17.95 38.21
C ASN H 74 10.13 18.01 36.83
N ILE H 75 9.39 19.09 36.55
CA ILE H 75 8.71 19.27 35.24
C ILE H 75 9.30 20.53 34.58
N GLU H 76 9.25 21.64 35.32
CA GLU H 76 9.68 22.94 34.79
C GLU H 76 11.20 23.09 34.81
N LYS H 77 11.72 23.79 33.77
CA LYS H 77 13.16 23.99 33.62
C LYS H 77 13.41 25.48 33.43
N ILE H 78 14.49 25.96 34.01
CA ILE H 78 14.93 27.33 33.83
C ILE H 78 16.21 27.27 32.97
N SER H 79 16.34 28.23 32.06
CA SER H 79 17.57 28.40 31.30
C SER H 79 17.93 29.85 31.23
N MET H 80 19.23 30.08 31.28
CA MET H 80 19.81 31.38 31.12
C MET H 80 20.05 31.58 29.65
N LEU H 81 20.23 32.82 29.24
CA LEU H 81 20.45 33.10 27.84
C LEU H 81 21.94 33.27 27.57
N GLU H 82 22.42 32.63 26.52
CA GLU H 82 23.75 32.91 25.98
C GLU H 82 23.78 34.15 25.09
N LYS H 83 22.79 34.29 24.21
CA LYS H 83 22.78 35.41 23.28
C LYS H 83 21.36 35.69 22.76
N ILE H 84 21.13 36.97 22.51
CA ILE H 84 19.89 37.48 21.94
C ILE H 84 20.23 37.92 20.55
N TYR H 85 19.37 37.61 19.57
CA TYR H 85 19.50 38.12 18.22
C TYR H 85 18.18 38.77 17.77
N ILE H 86 18.22 40.07 17.49
CA ILE H 86 17.08 40.78 17.06
C ILE H 86 17.17 40.91 15.55
N HIS H 87 16.02 40.84 14.86
CA HIS H 87 16.03 41.07 13.41
C HIS H 87 16.64 42.44 13.08
N PRO H 88 17.65 42.51 12.20
CA PRO H 88 18.30 43.81 11.95
C PRO H 88 17.41 44.82 11.26
N ARG H 89 16.30 44.41 10.66
CA ARG H 89 15.33 45.36 10.03
C ARG H 89 14.01 45.43 10.78
N TYR H 90 14.02 45.07 12.05
CA TYR H 90 12.92 45.29 12.94
C TYR H 90 12.61 46.79 13.01
N ASN H 91 11.37 47.17 12.71
CA ASN H 91 10.99 48.60 12.63
C ASN H 91 10.21 49.02 13.86
N TRP H 92 10.92 49.37 14.91
CA TRP H 92 10.29 49.89 16.13
C TRP H 92 9.79 51.31 15.98
N ARG H 93 10.30 52.03 14.98
CA ARG H 93 10.02 53.46 14.81
C ARG H 93 8.61 53.66 14.23
N GLU H 94 8.10 52.67 13.53
CA GLU H 94 6.83 52.84 12.88
C GLU H 94 5.71 51.87 13.24
N ASN H 95 5.85 50.61 12.87
CA ASN H 95 4.73 49.66 12.91
C ASN H 95 5.11 48.24 13.42
N LEU H 96 6.27 48.13 14.04
CA LEU H 96 6.78 46.80 14.49
C LEU H 96 6.97 45.75 13.34
N ASP H 97 7.24 46.24 12.13
CA ASP H 97 7.61 45.35 11.05
C ASP H 97 8.77 44.46 11.50
N ARG H 98 8.64 43.16 11.24
CA ARG H 98 9.64 42.15 11.60
C ARG H 98 9.85 42.09 13.11
N ASP H 99 8.76 41.95 13.83
CA ASP H 99 8.83 41.90 15.24
C ASP H 99 9.27 40.46 15.71
N ILE H 100 10.55 40.16 15.60
CA ILE H 100 10.99 38.79 15.80
C ILE H 100 12.42 38.78 16.31
N ALA H 101 12.66 37.84 17.22
CA ALA H 101 13.99 37.72 17.86
C ALA H 101 14.16 36.27 18.25
N LEU H 102 15.44 35.83 18.24
CA LEU H 102 15.85 34.48 18.66
C LEU H 102 16.68 34.66 19.90
N MET H 103 16.61 33.65 20.78
CA MET H 103 17.37 33.64 21.97
C MET H 103 18.03 32.25 22.07
N LYS H 104 19.35 32.23 22.17
CA LYS H 104 20.05 30.98 22.31
C LYS H 104 20.33 30.69 23.81
N LEU H 105 20.02 29.47 24.22
CA LEU H 105 20.03 29.12 25.63
C LEU H 105 21.48 28.75 25.95
N LYS H 106 21.91 29.02 27.19
CA LYS H 106 23.25 28.65 27.64
C LYS H 106 23.44 27.12 27.65
N LYS H 107 22.44 26.40 28.13
CA LYS H 107 22.49 24.95 28.16
C LYS H 107 21.27 24.42 27.42
N PRO H 108 21.46 23.37 26.61
CA PRO H 108 20.31 22.75 25.97
C PRO H 108 19.31 22.20 26.99
N VAL H 109 18.03 22.23 26.64
CA VAL H 109 16.99 21.78 27.50
C VAL H 109 16.71 20.34 27.10
N ALA H 110 16.45 19.49 28.11
CA ALA H 110 16.04 18.13 27.85
C ALA H 110 14.55 18.11 27.50
N PHE H 111 14.20 17.40 26.43
CA PHE H 111 12.80 17.24 26.04
C PHE H 111 12.09 16.29 26.99
N SER H 112 10.77 16.36 27.07
CA SER H 112 10.05 15.59 28.05
C SER H 112 8.60 15.51 27.59
N ASP H 113 7.75 14.93 28.42
CA ASP H 113 6.31 15.02 28.13
C ASP H 113 5.81 16.47 28.04
N TYR H 114 6.47 17.38 28.74
CA TYR H 114 5.98 18.78 28.89
C TYR H 114 6.80 19.80 28.09
N ILE H 115 7.88 19.33 27.48
CA ILE H 115 8.88 20.17 26.78
C ILE H 115 9.25 19.56 25.42
N HIS H 116 8.90 20.27 24.35
CA HIS H 116 9.01 19.71 23.03
C HIS H 116 8.86 20.83 22.01
N PRO H 117 9.66 20.80 20.95
CA PRO H 117 9.63 21.89 19.94
C PRO H 117 8.46 21.87 18.97
N VAL H 118 8.05 23.06 18.55
CA VAL H 118 7.07 23.25 17.48
C VAL H 118 7.78 23.25 16.12
N CYS H 119 7.06 22.99 15.02
CA CYS H 119 7.69 23.04 13.68
C CYS H 119 7.61 24.44 13.10
N LEU H 120 8.56 24.79 12.27
CA LEU H 120 8.41 25.97 11.44
C LEU H 120 7.92 25.55 10.09
N PRO H 121 7.15 26.41 9.44
CA PRO H 121 6.45 25.96 8.24
C PRO H 121 7.36 25.94 7.03
N ASP H 122 7.27 24.85 6.27
CA ASP H 122 7.83 24.77 4.91
C ASP H 122 6.84 25.53 3.98
N ARG H 123 7.25 25.77 2.75
CA ARG H 123 6.46 26.61 1.81
C ARG H 123 5.04 26.11 1.54
N GLU H 124 4.94 24.81 1.30
CA GLU H 124 3.65 24.16 0.94
C GLU H 124 2.66 24.29 2.11
N THR H 125 3.15 23.95 3.29
CA THR H 125 2.37 24.14 4.48
C THR H 125 1.93 25.57 4.66
N ALA H 126 2.83 26.53 4.48
CA ALA H 126 2.47 27.93 4.66
C ALA H 126 1.36 28.29 3.66
N ALA H 127 1.56 27.90 2.41
CA ALA H 127 0.62 28.26 1.34
C ALA H 127 -0.73 27.60 1.54
N SER H 128 -0.70 26.36 1.98
CA SER H 128 -1.93 25.60 2.25
C SER H 128 -2.73 26.11 3.47
N LEU H 129 -2.06 26.50 4.55
CA LEU H 129 -2.79 26.80 5.81
C LEU H 129 -3.04 28.28 6.11
N LEU H 130 -2.23 29.14 5.54
CA LEU H 130 -2.30 30.54 5.96
C LEU H 130 -3.29 31.22 5.05
N GLN H 131 -4.57 30.92 5.26
CA GLN H 131 -5.65 31.46 4.44
C GLN H 131 -6.79 31.94 5.28
N ALA H 132 -7.44 33.03 4.82
CA ALA H 132 -8.54 33.65 5.52
C ALA H 132 -9.60 32.63 5.88
N GLY H 133 -10.11 32.73 7.10
CA GLY H 133 -11.14 31.84 7.61
C GLY H 133 -10.58 30.58 8.24
N TYR H 134 -9.32 30.23 7.94
CA TYR H 134 -8.70 29.07 8.62
C TYR H 134 -8.32 29.52 10.01
N LYS H 135 -8.49 28.66 10.99
CA LYS H 135 -8.24 29.04 12.38
C LYS H 135 -6.88 28.55 12.80
N GLY H 136 -6.21 29.36 13.63
CA GLY H 136 -5.08 28.91 14.42
C GLY H 136 -5.31 29.09 15.89
N ARG H 137 -4.28 28.79 16.69
CA ARG H 137 -4.36 28.85 18.11
C ARG H 137 -3.27 29.81 18.68
N VAL H 138 -3.64 30.61 19.70
CA VAL H 138 -2.74 31.48 20.40
C VAL H 138 -2.76 31.18 21.87
N THR H 139 -1.56 31.20 22.46
CA THR H 139 -1.43 30.87 23.88
C THR H 139 -0.62 31.94 24.64
N GLY H 140 -0.95 32.17 25.91
CA GLY H 140 -0.17 33.03 26.74
C GLY H 140 -0.67 33.23 28.16
N TRP H 141 0.19 33.84 28.96
CA TRP H 141 -0.07 34.22 30.34
C TRP H 141 -0.29 35.72 30.49
N GLY H 142 -0.57 36.39 29.39
CA GLY H 142 -0.72 37.83 29.39
C GLY H 142 -2.11 38.24 29.86
N ASN H 143 -2.42 39.52 29.71
CA ASN H 143 -3.65 40.07 30.32
C ASN H 143 -4.93 39.38 29.83
N LEU H 144 -5.89 39.24 30.75
CA LEU H 144 -7.18 38.64 30.47
C LEU H 144 -8.19 39.59 29.91
N LYS H 145 -7.92 40.88 30.04
CA LYS H 145 -8.81 41.97 29.58
C LYS H 145 -7.97 43.17 29.23
N GLU H 146 -8.44 43.97 28.30
CA GLU H 146 -7.81 45.24 28.00
C GLU H 146 -7.62 46.08 29.29
N THR H 147 -6.40 46.57 29.45
CA THR H 147 -5.94 47.27 30.64
C THR H 147 -5.48 48.69 30.28
N TRP H 148 -5.68 49.64 31.20
CA TRP H 148 -5.27 51.03 30.98
C TRP H 148 -3.91 51.36 31.60
N THR H 149 -3.60 50.79 32.77
CA THR H 149 -2.34 51.06 33.49
C THR H 149 -1.61 49.74 33.74
N ALA H 150 -0.26 49.83 33.83
CA ALA H 150 0.59 48.65 33.99
C ALA H 150 0.29 47.99 35.32
N ASN H 151 -0.05 46.71 35.23
CA ASN H 151 -0.47 45.95 36.40
C ASN H 151 0.73 45.30 37.15
N VAL H 152 1.88 45.23 36.47
CA VAL H 152 3.07 44.49 36.96
C VAL H 152 2.74 43.08 37.54
N GLY H 153 1.99 42.28 36.78
CA GLY H 153 1.66 40.89 37.17
C GLY H 153 0.31 40.60 37.83
N LYS H 154 -0.46 41.65 38.10
CA LYS H 154 -1.87 41.53 38.61
C LYS H 154 -2.94 41.50 37.45
N GLY H 155 -4.08 40.81 37.57
CA GLY H 155 -5.03 40.61 36.40
C GLY H 155 -4.58 39.63 35.28
N GLN H 156 -3.57 38.84 35.64
CA GLN H 156 -3.00 37.84 34.76
C GLN H 156 -3.28 36.43 35.33
N PRO H 157 -3.46 35.45 34.45
CA PRO H 157 -3.97 34.15 34.90
C PRO H 157 -2.88 33.35 35.57
N SER H 158 -3.27 32.34 36.32
CA SER H 158 -2.30 31.40 36.86
C SER H 158 -2.07 30.31 35.82
N VAL H 159 -3.13 29.86 35.16
CA VAL H 159 -2.97 28.73 34.24
C VAL H 159 -2.85 29.27 32.83
N LEU H 160 -1.93 28.71 32.04
CA LEU H 160 -1.79 29.08 30.63
C LEU H 160 -3.13 29.18 29.94
N GLN H 161 -3.35 30.27 29.24
CA GLN H 161 -4.56 30.46 28.46
C GLN H 161 -4.38 30.14 26.97
N VAL H 162 -5.47 29.70 26.33
CA VAL H 162 -5.49 29.29 24.93
C VAL H 162 -6.77 29.81 24.26
N VAL H 163 -6.66 30.24 23.01
CA VAL H 163 -7.83 30.69 22.24
C VAL H 163 -7.61 30.41 20.76
N ASN H 164 -8.66 29.88 20.10
CA ASN H 164 -8.62 29.64 18.67
C ASN H 164 -9.25 30.78 17.89
N LEU H 165 -8.57 31.24 16.85
CA LEU H 165 -8.99 32.44 16.12
C LEU H 165 -8.79 32.30 14.62
N PRO H 166 -9.74 32.79 13.84
CA PRO H 166 -9.57 32.71 12.39
C PRO H 166 -8.64 33.79 11.82
N ILE H 167 -7.84 33.39 10.84
CA ILE H 167 -7.07 34.31 10.05
C ILE H 167 -8.02 35.19 9.25
N VAL H 168 -7.65 36.46 9.16
CA VAL H 168 -8.50 37.50 8.48
C VAL H 168 -7.90 37.99 7.15
N GLU H 169 -8.78 38.35 6.20
CA GLU H 169 -8.35 38.81 4.88
C GLU H 169 -7.56 40.10 4.99
N ARG H 170 -6.49 40.20 4.22
CA ARG H 170 -5.56 41.33 4.30
C ARG H 170 -6.21 42.70 4.09
N PRO H 171 -7.16 42.85 3.14
CA PRO H 171 -7.86 44.16 3.04
C PRO H 171 -8.62 44.56 4.31
N VAL H 172 -9.24 43.58 4.97
CA VAL H 172 -9.89 43.83 6.24
C VAL H 172 -8.89 44.22 7.34
N CYS H 173 -7.79 43.44 7.49
CA CYS H 173 -6.75 43.84 8.44
C CYS H 173 -6.36 45.32 8.18
N LYS H 174 -6.14 45.65 6.91
CA LYS H 174 -5.57 46.94 6.50
C LYS H 174 -6.51 48.08 6.81
N ASP H 175 -7.79 47.88 6.52
CA ASP H 175 -8.83 48.90 6.73
C ASP H 175 -9.20 49.04 8.22
N SER H 176 -8.83 48.04 9.04
CA SER H 176 -9.13 48.08 10.50
C SER H 176 -8.29 49.04 11.31
N THR H 177 -7.21 49.57 10.73
CA THR H 177 -6.23 50.29 11.52
C THR H 177 -5.53 51.33 10.67
N ARG H 178 -5.08 52.40 11.33
CA ARG H 178 -4.25 53.43 10.71
C ARG H 178 -2.81 53.06 10.62
N ILE H 179 -2.40 52.08 11.41
CA ILE H 179 -1.01 51.73 11.40
C ILE H 179 -0.75 51.05 10.06
N ARG H 180 0.38 51.36 9.44
CA ARG H 180 0.79 50.80 8.14
C ARG H 180 1.17 49.32 8.28
N ILE H 181 0.35 48.43 7.73
CA ILE H 181 0.62 46.99 7.86
C ILE H 181 1.54 46.56 6.75
N THR H 182 2.22 45.46 6.93
CA THR H 182 3.13 44.93 5.92
C THR H 182 2.86 43.46 5.64
N ASP H 183 3.53 42.93 4.61
CA ASP H 183 3.40 41.57 4.27
C ASP H 183 4.09 40.68 5.32
N ASN H 184 4.91 41.28 6.20
CA ASN H 184 5.51 40.51 7.33
C ASN H 184 4.61 40.34 8.54
N MET H 185 3.34 40.69 8.39
CA MET H 185 2.34 40.55 9.44
C MET H 185 1.09 39.94 8.85
N PHE H 186 0.32 39.29 9.73
CA PHE H 186 -1.05 38.94 9.42
C PHE H 186 -1.92 39.27 10.60
N CYS H 187 -3.22 39.31 10.37
CA CYS H 187 -4.13 39.54 11.47
C CYS H 187 -5.12 38.40 11.61
N ALA H 188 -5.62 38.26 12.83
CA ALA H 188 -6.55 37.20 13.19
C ALA H 188 -7.53 37.64 14.25
N GLY H 189 -8.70 37.03 14.23
CA GLY H 189 -9.79 37.37 15.15
C GLY H 189 -11.13 37.29 14.44
N TYR H 190 -12.16 37.21 15.25
CA TYR H 190 -13.55 37.21 14.75
C TYR H 190 -13.98 38.62 14.35
N LYS H 191 -14.85 38.69 13.36
CA LYS H 191 -15.41 39.97 12.94
C LYS H 191 -16.61 40.28 13.84
N PRO H 192 -17.00 41.56 13.91
CA PRO H 192 -18.17 41.92 14.73
C PRO H 192 -19.40 41.06 14.40
N ASP H 193 -19.63 40.83 13.11
CA ASP H 193 -20.80 40.13 12.62
C ASP H 193 -20.83 38.63 12.97
N GLU H 194 -19.67 38.07 13.34
CA GLU H 194 -19.53 36.63 13.56
C GLU H 194 -19.91 36.14 14.96
N GLY H 195 -20.20 37.05 15.88
CA GLY H 195 -20.64 36.67 17.21
C GLY H 195 -19.53 36.34 18.20
N LYS H 196 -18.66 35.40 17.84
CA LYS H 196 -17.61 34.90 18.76
C LYS H 196 -16.56 35.95 18.95
N ARG H 197 -15.79 35.85 20.02
CA ARG H 197 -14.69 36.79 20.26
C ARG H 197 -13.39 36.13 20.72
N GLY H 198 -12.41 36.97 21.08
CA GLY H 198 -11.13 36.50 21.59
C GLY H 198 -9.98 37.23 20.91
N ASP H 199 -8.85 37.31 21.63
CA ASP H 199 -7.70 38.03 21.17
C ASP H 199 -6.52 37.72 22.08
N ALA H 200 -5.32 38.00 21.57
CA ALA H 200 -4.18 38.10 22.47
C ALA H 200 -4.23 39.50 23.11
N CYS H 201 -3.33 39.78 24.04
CA CYS H 201 -3.36 41.08 24.69
C CYS H 201 -1.95 41.38 25.20
N GLU H 202 -1.78 42.54 25.85
CA GLU H 202 -0.50 42.87 26.43
C GLU H 202 -0.01 41.74 27.34
N GLY H 203 1.28 41.43 27.26
CA GLY H 203 1.91 40.30 27.98
C GLY H 203 1.99 38.98 27.15
N ASP H 204 1.15 38.88 26.13
CA ASP H 204 1.15 37.69 25.27
C ASP H 204 2.19 37.71 24.18
N SER H 205 2.80 38.88 23.94
CA SER H 205 3.76 39.04 22.86
C SER H 205 4.84 38.02 22.93
N GLY H 206 5.27 37.59 21.75
CA GLY H 206 6.24 36.54 21.65
C GLY H 206 5.69 35.16 21.67
N GLY H 207 4.49 34.95 22.20
CA GLY H 207 3.83 33.69 22.13
C GLY H 207 3.49 33.22 20.72
N PRO H 208 3.20 31.93 20.55
CA PRO H 208 3.02 31.40 19.21
C PRO H 208 1.53 31.41 18.75
N PHE H 209 1.33 31.68 17.49
CA PHE H 209 0.12 31.38 16.77
C PHE H 209 0.41 30.12 15.97
N VAL H 210 -0.25 29.03 16.34
CA VAL H 210 0.05 27.74 15.74
C VAL H 210 -1.15 27.18 14.97
N MET H 211 -0.84 26.35 14.00
CA MET H 211 -1.85 25.63 13.21
C MET H 211 -1.46 24.15 13.11
N LYS H 212 -2.47 23.29 13.13
CA LYS H 212 -2.27 21.83 13.04
C LYS H 212 -2.48 21.41 11.60
N SER H 213 -1.43 20.85 11.02
CA SER H 213 -1.51 20.40 9.63
C SER H 213 -2.44 19.19 9.42
N PRO H 214 -3.43 19.29 8.54
CA PRO H 214 -4.19 18.07 8.16
C PRO H 214 -3.41 17.03 7.34
N PHE H 215 -2.26 17.44 6.79
CA PHE H 215 -1.45 16.61 5.87
C PHE H 215 -0.58 15.70 6.65
N ASN H 216 -0.02 16.19 7.74
CA ASN H 216 0.88 15.36 8.56
C ASN H 216 0.66 15.42 10.05
N ASN H 217 -0.40 16.14 10.46
CA ASN H 217 -0.82 16.20 11.89
C ASN H 217 0.22 16.81 12.85
N ARG H 218 1.13 17.59 12.27
CA ARG H 218 2.12 18.31 13.07
C ARG H 218 1.62 19.72 13.32
N TRP H 219 2.08 20.28 14.43
CA TRP H 219 1.80 21.65 14.80
C TRP H 219 2.88 22.53 14.27
N TYR H 220 2.46 23.57 13.53
CA TYR H 220 3.33 24.56 12.93
C TYR H 220 3.15 25.98 13.46
N GLN H 221 4.27 26.67 13.78
CA GLN H 221 4.17 28.02 14.23
C GLN H 221 4.16 28.95 13.06
N MET H 222 2.94 29.48 12.78
CA MET H 222 2.76 30.44 11.69
C MET H 222 2.95 31.88 12.09
N GLY H 223 2.64 32.23 13.33
CA GLY H 223 2.80 33.60 13.78
C GLY H 223 3.39 33.81 15.17
N ILE H 224 3.75 35.05 15.47
CA ILE H 224 4.20 35.43 16.78
C ILE H 224 3.32 36.58 17.23
N VAL H 225 2.77 36.48 18.41
CA VAL H 225 1.95 37.63 18.90
C VAL H 225 2.82 38.89 18.88
N SER H 226 2.39 39.92 18.17
CA SER H 226 3.18 41.12 17.98
C SER H 226 2.46 42.43 18.48
N TRP H 227 1.27 42.74 18.03
CA TRP H 227 0.67 44.01 18.45
C TRP H 227 -0.84 44.02 18.31
N GLY H 228 -1.44 45.08 18.83
CA GLY H 228 -2.83 45.38 18.58
C GLY H 228 -3.19 46.80 19.06
N GLU H 229 -4.48 47.10 19.08
CA GLU H 229 -4.98 48.39 19.57
C GLU H 229 -6.10 48.02 20.53
N GLY H 230 -5.83 48.15 21.83
CA GLY H 230 -6.71 47.58 22.85
C GLY H 230 -6.59 46.06 22.78
N CYS H 231 -7.52 45.36 23.42
CA CYS H 231 -7.66 43.91 23.24
C CYS H 231 -9.12 43.55 23.06
N ASP H 232 -9.41 42.68 22.09
CA ASP H 232 -10.76 42.15 21.84
C ASP H 232 -11.83 43.22 21.57
N ARG H 233 -11.41 44.34 20.98
CA ARG H 233 -12.38 45.36 20.52
C ARG H 233 -13.09 44.94 19.23
N ASP H 234 -14.38 45.24 19.13
CA ASP H 234 -15.14 45.02 17.89
C ASP H 234 -14.46 45.80 16.76
N GLY H 235 -14.26 45.12 15.62
CA GLY H 235 -13.70 45.74 14.41
C GLY H 235 -12.20 45.89 14.41
N LYS H 236 -11.57 45.42 15.49
CA LYS H 236 -10.10 45.41 15.57
C LYS H 236 -9.65 43.95 15.59
N TYR H 237 -8.38 43.72 15.25
CA TYR H 237 -7.81 42.37 15.10
C TYR H 237 -6.39 42.34 15.65
N GLY H 238 -5.98 41.21 16.24
CA GLY H 238 -4.61 41.10 16.68
C GLY H 238 -3.69 40.94 15.49
N PHE H 239 -2.46 41.43 15.62
CA PHE H 239 -1.48 41.29 14.56
C PHE H 239 -0.37 40.36 15.06
N TYR H 240 0.12 39.59 14.10
CA TYR H 240 1.07 38.49 14.33
C TYR H 240 2.20 38.62 13.32
N THR H 241 3.44 38.44 13.79
CA THR H 241 4.50 38.39 12.87
C THR H 241 4.44 37.12 12.02
N HIS H 242 4.73 37.28 10.72
CA HIS H 242 4.55 36.25 9.73
C HIS H 242 5.82 35.40 9.71
N VAL H 243 5.79 34.28 10.41
CA VAL H 243 7.03 33.46 10.62
C VAL H 243 7.64 32.93 9.34
N PHE H 244 6.81 32.37 8.46
CA PHE H 244 7.30 31.85 7.23
C PHE H 244 8.08 32.95 6.47
N ARG H 245 7.53 34.17 6.37
CA ARG H 245 8.19 35.24 5.60
C ARG H 245 9.62 35.49 6.09
N LEU H 246 9.82 35.34 7.41
CA LEU H 246 11.07 35.66 8.06
C LEU H 246 11.95 34.44 8.33
N LYS H 247 11.56 33.30 7.79
CA LYS H 247 12.25 32.03 8.06
C LYS H 247 13.68 31.94 7.55
N LYS H 248 14.00 32.65 6.47
CA LYS H 248 15.41 32.66 5.99
C LYS H 248 16.30 33.34 6.98
N TRP H 249 15.79 34.36 7.65
CA TRP H 249 16.57 35.03 8.69
C TRP H 249 16.80 34.06 9.86
N ILE H 250 15.71 33.40 10.27
CA ILE H 250 15.78 32.47 11.40
C ILE H 250 16.88 31.45 11.07
N GLN H 251 16.82 30.89 9.88
CA GLN H 251 17.79 29.82 9.51
C GLN H 251 19.25 30.32 9.41
N LYS H 252 19.45 31.53 8.90
CA LYS H 252 20.76 32.14 8.85
C LYS H 252 21.40 32.31 10.26
N VAL H 253 20.59 32.80 11.19
CA VAL H 253 21.05 33.03 12.58
C VAL H 253 21.44 31.70 13.21
N ILE H 254 20.59 30.70 13.05
CA ILE H 254 20.86 29.38 13.68
C ILE H 254 22.03 28.71 12.97
N ASP H 255 22.11 28.86 11.64
CA ASP H 255 23.25 28.30 10.88
C ASP H 255 24.59 28.90 11.34
N GLN H 256 24.65 30.23 11.44
CA GLN H 256 25.89 30.89 11.80
C GLN H 256 26.25 30.64 13.29
N PHE H 257 25.24 30.72 14.16
CA PHE H 257 25.48 30.79 15.59
C PHE H 257 25.28 29.49 16.29
N GLY H 258 24.77 28.51 15.55
CA GLY H 258 25.05 27.11 15.82
C GLY H 258 24.01 26.47 16.68
N GLU H 259 23.91 25.15 16.52
CA GLU H 259 23.75 24.24 17.66
C GLU H 259 22.33 24.16 18.18
N LEU I 5 -15.40 -37.55 -40.43
CA LEU I 5 -16.32 -38.15 -39.43
C LEU I 5 -15.79 -38.21 -37.95
N PTR I 6 -14.53 -37.85 -37.73
CA PTR I 6 -14.01 -37.70 -36.37
C PTR I 6 -13.42 -36.34 -36.30
O PTR I 6 -12.79 -35.86 -37.27
CB PTR I 6 -12.95 -38.74 -35.99
CG PTR I 6 -13.52 -40.14 -35.73
CD1 PTR I 6 -14.15 -40.49 -34.53
CD2 PTR I 6 -13.37 -41.11 -36.74
CE1 PTR I 6 -14.63 -41.79 -34.32
CE2 PTR I 6 -13.86 -42.39 -36.57
CZ PTR I 6 -14.48 -42.73 -35.35
OH PTR I 6 -14.97 -43.99 -35.15
P PTR I 6 -14.25 -45.37 -35.56
O1P PTR I 6 -14.93 -46.38 -34.69
O2P PTR I 6 -12.76 -45.35 -35.30
O3P PTR I 6 -14.56 -45.38 -37.04
N ASP I 7 -13.58 -35.69 -35.16
CA ASP I 7 -12.95 -34.44 -34.89
C ASP I 7 -11.46 -34.49 -35.12
N ASP J 4 -24.29 6.74 9.20
CA ASP J 4 -23.75 6.70 10.61
C ASP J 4 -24.58 5.76 11.52
N LEU J 5 -25.38 4.94 10.87
CA LEU J 5 -26.19 3.89 11.50
C LEU J 5 -25.64 2.54 11.01
N PTR J 6 -25.71 1.57 11.85
CA PTR J 6 -25.38 0.22 11.48
C PTR J 6 -26.56 -0.46 10.92
O PTR J 6 -27.75 -0.25 11.31
CB PTR J 6 -24.96 -0.42 12.76
CG PTR J 6 -23.70 0.11 13.37
CD1 PTR J 6 -23.66 0.54 14.71
CD2 PTR J 6 -22.52 0.07 12.62
CE1 PTR J 6 -22.45 0.99 15.27
CE2 PTR J 6 -21.35 0.54 13.17
CZ PTR J 6 -21.29 0.98 14.48
OH PTR J 6 -20.05 1.37 14.89
P PTR J 6 -19.66 2.07 16.30
O1P PTR J 6 -20.32 1.15 17.31
O2P PTR J 6 -20.37 3.42 16.18
O3P PTR J 6 -18.18 1.99 16.30
N ASP J 7 -26.26 -1.25 9.91
CA ASP J 7 -27.19 -2.18 9.38
C ASP J 7 -28.01 -2.92 10.45
N LEU K 5 46.09 4.48 -18.13
CA LEU K 5 44.81 4.80 -17.40
C LEU K 5 44.96 4.65 -15.86
N PTR K 6 46.17 4.98 -15.40
CA PTR K 6 46.52 4.93 -13.99
C PTR K 6 47.41 6.11 -13.78
O PTR K 6 48.40 6.29 -14.46
CB PTR K 6 47.41 3.76 -13.71
CG PTR K 6 46.71 2.47 -13.44
CD1 PTR K 6 46.53 1.53 -14.45
CD2 PTR K 6 46.33 2.19 -12.15
CE1 PTR K 6 45.92 0.30 -14.15
CE2 PTR K 6 45.72 0.98 -11.83
CZ PTR K 6 45.51 0.03 -12.83
OH PTR K 6 44.92 -1.15 -12.46
P PTR K 6 45.53 -2.59 -12.91
O1P PTR K 6 47.01 -2.36 -13.04
O2P PTR K 6 44.82 -2.78 -14.25
O3P PTR K 6 45.21 -3.53 -11.78
N ASP K 7 47.08 6.95 -12.80
CA ASP K 7 47.83 8.17 -12.59
C ASP K 7 49.36 8.01 -12.80
N LEU L 5 7.16 35.61 -1.85
CA LEU L 5 7.07 34.76 -0.64
C LEU L 5 8.12 35.19 0.45
N PTR L 6 9.40 34.78 0.48
CA PTR L 6 10.33 35.27 1.57
C PTR L 6 10.74 36.73 1.55
O PTR L 6 11.16 37.23 0.54
CB PTR L 6 11.70 34.58 1.61
CG PTR L 6 11.54 33.13 1.95
CD1 PTR L 6 12.04 32.18 1.04
CD2 PTR L 6 10.98 32.72 3.19
CE1 PTR L 6 11.94 30.80 1.34
CE2 PTR L 6 10.89 31.35 3.47
CZ PTR L 6 11.34 30.39 2.55
OH PTR L 6 11.23 29.05 2.88
P PTR L 6 11.82 27.77 2.10
O1P PTR L 6 13.31 27.84 2.35
O2P PTR L 6 11.38 27.99 0.67
O3P PTR L 6 11.09 26.70 2.90
N ASP L 7 10.66 37.41 2.71
CA ASP L 7 11.15 38.78 2.89
C ASP L 7 12.52 38.99 2.20
NA NA M . -38.27 -26.82 -28.34
N 0G6 N . -27.69 -21.17 -21.60
CA 0G6 N . -26.21 -21.17 -21.82
C 0G6 N . -25.74 -22.61 -21.53
O 0G6 N . -26.37 -23.54 -21.96
CB 0G6 N . -25.93 -20.81 -23.29
CG 0G6 N . -24.43 -20.84 -23.69
CD1 0G6 N . -23.50 -19.97 -23.16
CD2 0G6 N . -24.01 -21.81 -24.62
CE1 0G6 N . -22.16 -20.02 -23.55
CE2 0G6 N . -22.63 -21.86 -24.98
CZ 0G6 N . -21.75 -21.01 -24.44
N1 0G6 N . -24.67 -22.75 -20.78
CA1 0G6 N . -24.27 -24.14 -20.53
C1 0G6 N . -25.33 -24.88 -19.65
O1 0G6 N . -25.86 -24.28 -18.69
CB1 0G6 N . -23.06 -23.99 -19.67
CG1 0G6 N . -22.60 -22.65 -19.83
CD 0G6 N . -23.78 -21.78 -20.12
N2 0G6 N . -25.76 -26.12 -19.94
CA2 0G6 N . -26.51 -26.94 -18.96
C2 0G6 N . -25.64 -27.83 -18.03
O2 0G6 N . -26.48 -28.26 -16.95
CB2 0G6 N . -27.47 -27.70 -19.78
CG2 0G6 N . -28.56 -26.72 -20.42
CD3 0G6 N . -29.24 -27.58 -21.37
NE 0G6 N . -30.40 -26.67 -21.90
CZ1 0G6 N . -31.23 -27.21 -22.76
NH1 0G6 N . -32.25 -26.33 -22.98
NH2 0G6 N . -31.27 -28.34 -23.30
C3 0G6 N . -24.53 -27.12 -17.27
C1 GOL O . -32.11 -46.85 -13.60
O1 GOL O . -33.07 -45.90 -14.16
C2 GOL O . -31.43 -46.32 -12.32
O2 GOL O . -30.23 -45.53 -12.49
C3 GOL O . -31.13 -47.55 -11.44
O3 GOL O . -30.83 -48.67 -12.26
NA NA P . -17.43 5.90 -14.78
N 0G6 Q . -21.15 -7.07 -13.60
CA 0G6 Q . -21.91 -7.70 -12.52
C 0G6 Q . -20.93 -7.80 -11.31
O 0G6 Q . -20.22 -6.83 -11.00
CB 0G6 Q . -23.10 -6.87 -12.11
CG 0G6 Q . -23.95 -7.54 -11.01
CD1 0G6 Q . -24.58 -8.74 -11.23
CD2 0G6 Q . -24.16 -6.83 -9.84
CE1 0G6 Q . -25.36 -9.26 -10.22
CE2 0G6 Q . -24.94 -7.38 -8.82
CZ 0G6 Q . -25.52 -8.60 -9.00
N1 0G6 Q . -20.90 -8.98 -10.65
CA1 0G6 Q . -19.97 -9.03 -9.50
C1 0G6 Q . -18.55 -8.80 -10.00
O1 0G6 Q . -18.17 -9.36 -11.06
CB1 0G6 Q . -20.15 -10.44 -8.97
CG1 0G6 Q . -21.34 -11.01 -9.59
CD 0G6 Q . -21.46 -10.30 -10.92
N2 0G6 Q . -17.73 -7.93 -9.04
CA2 0G6 Q . -16.22 -7.85 -9.26
C2 0G6 Q . -15.29 -8.75 -8.35
O2 0G6 Q . -14.04 -8.84 -8.98
CB2 0G6 Q . -15.81 -6.40 -9.17
CG2 0G6 Q . -16.35 -5.62 -10.42
CD3 0G6 Q . -16.26 -4.15 -10.12
NE 0G6 Q . -16.63 -3.43 -11.32
CZ1 0G6 Q . -16.43 -2.11 -11.40
NH1 0G6 Q . -16.74 -1.60 -12.55
NH2 0G6 Q . -15.95 -1.39 -10.44
C3 0G6 Q . -15.62 -10.23 -8.19
NA NA R . 23.03 19.01 -7.39
N 0G6 S . 33.92 23.70 -0.68
CA 0G6 S . 35.38 23.36 -0.89
C 0G6 S . 35.64 21.92 -0.43
O 0G6 S . 34.88 21.01 -0.79
CB 0G6 S . 35.75 23.53 -2.35
CG 0G6 S . 37.25 23.30 -2.67
CD1 0G6 S . 38.16 24.19 -2.13
CD2 0G6 S . 37.64 22.23 -3.52
CE1 0G6 S . 39.54 23.96 -2.41
CE2 0G6 S . 38.99 22.06 -3.82
CZ 0G6 S . 39.91 22.92 -3.26
N1 0G6 S . 36.72 21.72 0.29
CA1 0G6 S . 37.03 20.35 0.76
C1 0G6 S . 35.89 19.85 1.69
O1 0G6 S . 35.34 20.62 2.50
CB1 0G6 S . 38.28 20.52 1.59
CG1 0G6 S . 38.84 21.85 1.22
CD 0G6 S . 37.62 22.70 0.91
N2 0G6 S . 35.46 18.47 1.46
CA2 0G6 S . 34.51 17.81 2.33
C2 0G6 S . 35.20 16.87 3.32
O2 0G6 S . 34.24 16.67 4.40
CB2 0G6 S . 33.61 17.06 1.41
CG2 0G6 S . 32.60 18.07 0.87
CD3 0G6 S . 31.86 17.33 -0.24
NE 0G6 S . 30.81 18.19 -0.80
CZ1 0G6 S . 29.85 17.74 -1.58
NH1 0G6 S . 28.91 18.58 -1.86
NH2 0G6 S . 29.80 16.54 -2.03
C3 0G6 S . 36.47 17.37 4.08
C1 GOL T . 33.70 8.77 -14.93
O1 GOL T . 35.07 8.33 -14.84
C2 GOL T . 33.75 10.28 -15.03
O2 GOL T . 34.15 10.50 -16.40
C3 GOL T . 32.40 10.91 -14.72
O3 GOL T . 32.37 11.74 -13.54
NA NA U . -11.48 42.10 17.61
N 0G6 V . -0.80 49.10 21.17
CA 0G6 V . 0.47 49.19 20.49
C 0G6 V . 1.15 47.84 20.57
O 0G6 V . 0.47 46.79 20.36
CB 0G6 V . 0.23 49.60 19.07
CG 0G6 V . 1.48 49.84 18.28
CD1 0G6 V . 2.29 50.88 18.63
CD2 0G6 V . 1.74 49.03 17.17
CE1 0G6 V . 3.41 51.14 17.92
CE2 0G6 V . 2.89 49.30 16.43
CZ 0G6 V . 3.72 50.35 16.83
N1 0G6 V . 2.45 47.84 20.96
CA1 0G6 V . 3.17 46.58 21.16
C1 0G6 V . 2.55 45.75 22.26
O1 0G6 V . 2.45 46.13 23.41
CB1 0G6 V . 4.56 47.01 21.61
CG1 0G6 V . 4.61 48.48 21.36
CD 0G6 V . 3.23 48.96 21.48
N2 0G6 V . 2.47 44.14 21.84
CA2 0G6 V . 2.04 43.30 22.99
C2 0G6 V . 3.22 42.49 23.49
O2 0G6 V . 2.99 41.81 24.76
CB2 0G6 V . 0.97 42.42 22.39
CG2 0G6 V . -0.35 43.16 22.19
CD3 0G6 V . -1.31 42.31 21.42
NE 0G6 V . -2.56 43.08 21.19
CZ1 0G6 V . -3.61 42.49 20.71
NH1 0G6 V . -4.77 43.01 20.90
NH2 0G6 V . -3.44 41.36 20.17
C3 0G6 V . 4.40 43.40 23.92
#